data_8QEY
#
_entry.id   8QEY
#
_cell.length_a   1.00
_cell.length_b   1.00
_cell.length_c   1.00
_cell.angle_alpha   90.00
_cell.angle_beta   90.00
_cell.angle_gamma   90.00
#
_symmetry.space_group_name_H-M   'P 1'
#
loop_
_entity.id
_entity.type
_entity.pdbx_description
1 polymer 'Asc-type amino acid transporter 1'
2 polymer '4F2 cell-surface antigen heavy chain'
3 branched 2-acetamido-2-deoxy-beta-D-glucopyranose-(1-4)-2-acetamido-2-deoxy-beta-D-glucopyranose
4 branched beta-D-mannopyranose-(1-4)-2-acetamido-2-deoxy-beta-D-glucopyranose-(1-4)-2-acetamido-2-deoxy-beta-D-glucopyranose
5 non-polymer Digitonin
6 non-polymer 2-acetamido-2-deoxy-beta-D-glucopyranose
#
loop_
_entity_poly.entity_id
_entity_poly.type
_entity_poly.pdbx_seq_one_letter_code
_entity_poly.pdbx_strand_id
1 'polypeptide(L)'
;MAGHTQQPSGRGNPRPAPSPSPVPGTVPGASERVALKKEIGLLSACTIIIGNIIGSGIFISPKGVLEHSGSVGLALFVWV
LGGGVTALGSLCYAELGVAIPKSGGDYAYVTEIFGGLAGFLLLWSAVLIMYPTSLAVISMTFSNYVLQPVFPNCIPPTTA
SRVLSMACLMLLTWVNSSSVRWATRIQDMFTGGKLLALSLIIGVGLLQIFQGHFEELRPSNAFAFWMTPSVGHLALAFLQ
GSFAFSGWNFLNYVTEEMVDARKNLPRAIFISIPLVTFVYTFTNIAYFTAMSPQELLSSNAVAVTFGEKLLGYFSWVMPV
SVALSTFGGINGYLFTYSRLCFSGAREGHLPSLLAMIHVRHCTPIPALLVCCGATAVIMLVGDTYTLINYVSFINYLCYG
VTILGLLLLRWRRPALHRPIKVNLLIPVAYLVFWAFLLVFSFISEPMVCGVGVIIILTGVPIFFLGVFWRSKPKCVHRLT
ESMTHWGQELCFVVYPQDAPEEEENGPCPPSLLPATDKPSKPQ
;
A
2 'polypeptide(L)'
;MELQPPEASIAVVSIPRQLPGSHSEAGVQGLSAGDDSELGSHCVAQTGLELLASGDPLPSASQNAEMIETGSDCVTQAGL
QLLASSDPPALASKNAEVTGTMSQDTEVDMKEVELNELEPEKQPMNAASGAAMSLAGAEKNGLVKIKVAEDEAEAAAAAK
FTGLSKEELLKVAGSPGWVRTRWALLLLFWLGWLGMLAGAVVIIVRAPRCRELPAQKWWHTGALYRIGDLQAFQGHGAGN
LAGLKGRLDYLSSLKVKGLVLGPIHKNQKDDVAQTDLLQIDPNFGSKEDFDSLLQSAKKKSIRVILDLTPNYRGENSWFS
TQVDTVATKVKDALEFWLQAGVDGFQVRDIENLKDASSFLAEWQNITKGFSEDRLLIAGTNSSDLQQILSLLESNKDLLL
TSSYLSDSGSTGEHTKSLVTQYLNATGNRWCSWSLSQARLLTSFLPAQLLRLYQLMLFTLPGTPVFSYGDEIGLDAAALP
GQPMEAPVMLWDESSFPDIPGAVSANMTVKGQSEDPGSLLSLFRRLSDQRSKERSLLHGDFHAFSAGPGLFSYIRHWDQN
ERFLVVLNFGDVGLSAGLQASDLPASASLPAKADLLLSTQPGREEGSPLELERLKLEPHEGLLLRFPYAA
;
B
#
# COMPACT_ATOMS: atom_id res chain seq x y z
N GLY A 41 21.60 1.32 -38.72
CA GLY A 41 20.15 1.29 -38.89
C GLY A 41 19.42 0.82 -37.64
N LEU A 42 20.15 0.13 -36.76
CA LEU A 42 19.56 -0.36 -35.53
C LEU A 42 19.25 0.76 -34.54
N LEU A 43 19.88 1.94 -34.70
CA LEU A 43 19.69 3.02 -33.74
C LEU A 43 18.26 3.57 -33.79
N SER A 44 17.78 3.91 -34.99
CA SER A 44 16.43 4.47 -35.11
C SER A 44 15.37 3.41 -34.80
N ALA A 45 15.62 2.18 -35.22
CA ALA A 45 14.71 1.08 -34.89
C ALA A 45 14.59 0.91 -33.39
N CYS A 46 15.73 0.89 -32.69
CA CYS A 46 15.72 0.79 -31.24
C CYS A 46 15.02 1.98 -30.61
N THR A 47 15.24 3.18 -31.16
CA THR A 47 14.58 4.38 -30.66
C THR A 47 13.07 4.23 -30.70
N ILE A 48 12.52 3.79 -31.84
CA ILE A 48 11.08 3.73 -31.95
C ILE A 48 10.51 2.59 -31.09
N ILE A 49 11.20 1.44 -30.99
CA ILE A 49 10.58 0.36 -30.21
C ILE A 49 10.61 0.69 -28.73
N ILE A 50 11.72 1.25 -28.22
CA ILE A 50 11.73 1.60 -26.79
C ILE A 50 10.84 2.81 -26.52
N GLY A 51 10.62 3.67 -27.52
CA GLY A 51 9.60 4.70 -27.35
C GLY A 51 8.21 4.12 -27.24
N ASN A 52 7.94 3.03 -27.95
CA ASN A 52 6.63 2.39 -27.89
C ASN A 52 6.46 1.50 -26.65
N ILE A 53 7.53 0.92 -26.14
CA ILE A 53 7.43 -0.04 -25.04
C ILE A 53 7.16 0.68 -23.73
N ILE A 54 8.03 1.62 -23.37
CA ILE A 54 7.90 2.33 -22.10
C ILE A 54 6.69 3.26 -22.19
N GLY A 55 5.81 3.17 -21.19
CA GLY A 55 4.65 4.03 -21.09
C GLY A 55 4.51 4.56 -19.68
N SER A 56 3.25 4.67 -19.24
CA SER A 56 2.96 5.04 -17.87
C SER A 56 2.64 3.83 -17.00
N GLY A 57 2.92 2.62 -17.49
CA GLY A 57 2.65 1.41 -16.76
C GLY A 57 3.62 1.09 -15.66
N ILE A 58 4.66 1.88 -15.49
CA ILE A 58 5.65 1.64 -14.44
C ILE A 58 5.23 2.39 -13.17
N PHE A 59 4.08 3.04 -13.22
CA PHE A 59 3.59 3.84 -12.10
C PHE A 59 2.40 3.20 -11.39
N ILE A 60 1.34 2.86 -12.11
CA ILE A 60 0.18 2.24 -11.48
C ILE A 60 0.47 0.80 -11.08
N SER A 61 1.20 0.07 -11.94
CA SER A 61 1.40 -1.36 -11.72
C SER A 61 2.17 -1.76 -10.45
N PRO A 62 3.20 -1.04 -9.97
CA PRO A 62 3.97 -1.57 -8.83
C PRO A 62 3.16 -1.82 -7.55
N LYS A 63 2.24 -0.93 -7.18
CA LYS A 63 1.56 -1.19 -5.92
C LYS A 63 0.53 -2.31 -6.07
N GLY A 64 -0.05 -2.45 -7.25
CA GLY A 64 -0.91 -3.60 -7.51
C GLY A 64 -0.15 -4.92 -7.51
N VAL A 65 1.03 -4.93 -8.13
CA VAL A 65 1.82 -6.16 -8.17
C VAL A 65 2.32 -6.51 -6.78
N LEU A 66 2.53 -5.52 -5.92
CA LEU A 66 2.89 -5.84 -4.53
C LEU A 66 1.69 -6.27 -3.70
N GLU A 67 0.53 -5.67 -3.93
CA GLU A 67 -0.65 -6.07 -3.17
C GLU A 67 -1.06 -7.50 -3.51
N HIS A 68 -0.90 -7.89 -4.78
CA HIS A 68 -1.25 -9.24 -5.18
C HIS A 68 -0.07 -10.20 -5.15
N SER A 69 1.15 -9.72 -4.91
CA SER A 69 2.31 -10.58 -4.86
C SER A 69 2.55 -11.18 -3.48
N GLY A 70 1.73 -10.84 -2.49
CA GLY A 70 1.89 -11.37 -1.16
C GLY A 70 2.86 -10.60 -0.30
N SER A 71 4.10 -10.47 -0.76
CA SER A 71 5.15 -9.83 0.01
C SER A 71 6.09 -9.09 -0.92
N VAL A 72 7.18 -8.55 -0.34
CA VAL A 72 8.22 -7.90 -1.12
C VAL A 72 8.89 -8.89 -2.06
N GLY A 73 8.95 -10.17 -1.68
CA GLY A 73 9.54 -11.17 -2.54
C GLY A 73 8.69 -11.44 -3.76
N LEU A 74 9.33 -12.00 -4.79
CA LEU A 74 8.79 -12.41 -6.08
C LEU A 74 8.26 -11.26 -6.93
N ALA A 75 8.26 -10.02 -6.44
CA ALA A 75 7.84 -8.90 -7.28
C ALA A 75 8.85 -8.63 -8.39
N LEU A 76 10.14 -8.60 -8.02
CA LEU A 76 11.19 -8.50 -9.03
C LEU A 76 11.16 -9.71 -9.96
N PHE A 77 10.84 -10.88 -9.42
CA PHE A 77 10.71 -12.08 -10.23
C PHE A 77 9.60 -11.93 -11.26
N VAL A 78 8.47 -11.35 -10.86
CA VAL A 78 7.37 -11.11 -11.80
C VAL A 78 7.79 -10.13 -12.88
N TRP A 79 8.45 -9.05 -12.48
CA TRP A 79 8.86 -8.04 -13.47
C TRP A 79 9.90 -8.58 -14.44
N VAL A 80 10.72 -9.55 -14.03
CA VAL A 80 11.67 -10.18 -14.95
C VAL A 80 10.96 -11.19 -15.85
N LEU A 81 10.11 -12.04 -15.24
CA LEU A 81 9.35 -13.05 -15.97
C LEU A 81 8.50 -12.45 -17.08
N GLY A 82 7.88 -11.31 -16.81
CA GLY A 82 7.13 -10.61 -17.85
C GLY A 82 8.01 -10.23 -19.03
N GLY A 83 9.22 -9.73 -18.75
CA GLY A 83 10.14 -9.43 -19.82
C GLY A 83 10.52 -10.66 -20.61
N GLY A 84 10.66 -11.80 -19.93
CA GLY A 84 11.00 -13.04 -20.62
C GLY A 84 9.90 -13.50 -21.58
N VAL A 85 8.66 -13.50 -21.11
CA VAL A 85 7.57 -13.96 -21.97
C VAL A 85 7.34 -12.97 -23.11
N THR A 86 7.49 -11.67 -22.81
CA THR A 86 7.42 -10.66 -23.86
C THR A 86 8.54 -10.83 -24.89
N ALA A 87 9.73 -11.25 -24.45
CA ALA A 87 10.81 -11.54 -25.37
C ALA A 87 10.45 -12.71 -26.30
N LEU A 88 9.89 -13.77 -25.74
CA LEU A 88 9.50 -14.91 -26.57
C LEU A 88 8.44 -14.50 -27.60
N GLY A 89 7.45 -13.73 -27.16
CA GLY A 89 6.44 -13.24 -28.09
C GLY A 89 7.00 -12.32 -29.15
N SER A 90 7.95 -11.48 -28.78
CA SER A 90 8.57 -10.57 -29.74
C SER A 90 9.37 -11.34 -30.77
N LEU A 91 10.04 -12.42 -30.36
CA LEU A 91 10.77 -13.25 -31.31
C LEU A 91 9.81 -13.89 -32.31
N CYS A 92 8.68 -14.43 -31.81
CA CYS A 92 7.72 -15.03 -32.72
C CYS A 92 7.12 -14.00 -33.68
N TYR A 93 6.80 -12.80 -33.17
CA TYR A 93 6.24 -11.77 -34.02
C TYR A 93 7.26 -11.26 -35.03
N ALA A 94 8.53 -11.21 -34.65
CA ALA A 94 9.57 -10.82 -35.59
C ALA A 94 9.73 -11.87 -36.69
N GLU A 95 9.59 -13.15 -36.34
CA GLU A 95 9.61 -14.20 -37.34
C GLU A 95 8.46 -14.03 -38.34
N LEU A 96 7.26 -13.75 -37.83
CA LEU A 96 6.12 -13.53 -38.72
C LEU A 96 6.32 -12.27 -39.57
N GLY A 97 6.93 -11.23 -39.00
CA GLY A 97 7.17 -10.01 -39.75
C GLY A 97 8.17 -10.20 -40.88
N VAL A 98 9.28 -10.89 -40.61
CA VAL A 98 10.25 -11.17 -41.66
C VAL A 98 9.73 -12.22 -42.63
N ALA A 99 8.65 -12.92 -42.27
CA ALA A 99 7.99 -13.82 -43.19
C ALA A 99 7.18 -13.01 -44.22
N ILE A 100 6.29 -13.69 -44.94
CA ILE A 100 5.50 -13.17 -46.05
C ILE A 100 4.89 -11.80 -45.75
N PRO A 101 5.14 -10.80 -46.61
CA PRO A 101 5.17 -9.39 -46.16
C PRO A 101 3.85 -8.61 -46.18
N LYS A 102 2.68 -9.24 -46.15
CA LYS A 102 1.42 -8.51 -46.33
C LYS A 102 1.28 -7.38 -45.33
N SER A 103 1.06 -6.16 -45.83
CA SER A 103 0.89 -5.01 -44.96
C SER A 103 -0.55 -4.92 -44.46
N GLY A 104 -0.81 -3.96 -43.59
CA GLY A 104 -2.13 -3.80 -43.04
C GLY A 104 -2.17 -3.80 -41.52
N GLY A 105 -1.03 -3.55 -40.90
CA GLY A 105 -0.98 -3.41 -39.45
C GLY A 105 -0.80 -4.75 -38.76
N ASP A 106 -1.68 -5.05 -37.82
CA ASP A 106 -1.62 -6.30 -37.05
C ASP A 106 -2.71 -7.28 -37.41
N TYR A 107 -3.90 -6.81 -37.79
CA TYR A 107 -5.00 -7.71 -38.11
C TYR A 107 -4.87 -8.36 -39.49
N ALA A 108 -3.93 -7.90 -40.32
CA ALA A 108 -3.79 -8.45 -41.67
C ALA A 108 -3.37 -9.91 -41.64
N TYR A 109 -2.42 -10.25 -40.78
CA TYR A 109 -1.94 -11.63 -40.70
C TYR A 109 -3.04 -12.57 -40.24
N VAL A 110 -3.83 -12.15 -39.26
CA VAL A 110 -4.88 -13.01 -38.73
C VAL A 110 -6.13 -12.99 -39.61
N THR A 111 -6.25 -12.01 -40.53
CA THR A 111 -7.26 -12.16 -41.57
C THR A 111 -6.81 -13.17 -42.62
N GLU A 112 -5.54 -13.11 -43.03
CA GLU A 112 -5.10 -13.96 -44.14
C GLU A 112 -4.95 -15.41 -43.70
N ILE A 113 -4.36 -15.65 -42.53
CA ILE A 113 -4.26 -16.99 -41.96
C ILE A 113 -5.45 -17.21 -41.04
N PHE A 114 -5.92 -18.46 -40.98
CA PHE A 114 -7.02 -18.89 -40.10
C PHE A 114 -8.32 -18.16 -40.43
N GLY A 115 -8.49 -17.75 -41.69
CA GLY A 115 -9.71 -17.11 -42.13
C GLY A 115 -9.86 -15.68 -41.67
N GLY A 116 -10.74 -14.93 -42.32
CA GLY A 116 -11.02 -13.56 -41.92
C GLY A 116 -11.92 -13.40 -40.73
N LEU A 117 -12.50 -14.51 -40.25
CA LEU A 117 -13.38 -14.47 -39.08
C LEU A 117 -12.60 -14.05 -37.84
N ALA A 118 -11.47 -14.72 -37.58
CA ALA A 118 -10.63 -14.34 -36.46
C ALA A 118 -10.06 -12.94 -36.65
N GLY A 119 -9.80 -12.53 -37.89
CA GLY A 119 -9.31 -11.19 -38.14
C GLY A 119 -10.33 -10.13 -37.76
N PHE A 120 -11.58 -10.31 -38.18
CA PHE A 120 -12.62 -9.36 -37.82
C PHE A 120 -12.87 -9.36 -36.32
N LEU A 121 -12.82 -10.53 -35.69
CA LEU A 121 -13.02 -10.59 -34.24
C LEU A 121 -11.90 -9.86 -33.51
N LEU A 122 -10.65 -10.04 -33.94
CA LEU A 122 -9.53 -9.37 -33.29
C LEU A 122 -9.60 -7.87 -33.51
N LEU A 123 -9.99 -7.44 -34.71
CA LEU A 123 -10.13 -6.01 -34.98
C LEU A 123 -11.23 -5.39 -34.14
N TRP A 124 -12.37 -6.08 -34.00
CA TRP A 124 -13.47 -5.58 -33.18
C TRP A 124 -13.05 -5.49 -31.71
N SER A 125 -12.39 -6.53 -31.21
CA SER A 125 -11.96 -6.51 -29.82
C SER A 125 -10.93 -5.42 -29.58
N ALA A 126 -10.04 -5.18 -30.55
CA ALA A 126 -9.11 -4.07 -30.49
C ALA A 126 -9.86 -2.76 -30.33
N VAL A 127 -10.65 -2.40 -31.36
CA VAL A 127 -11.30 -1.10 -31.43
C VAL A 127 -12.31 -0.90 -30.31
N LEU A 128 -12.76 -1.98 -29.66
CA LEU A 128 -13.66 -1.83 -28.53
C LEU A 128 -12.91 -1.72 -27.21
N ILE A 129 -12.13 -2.75 -26.87
CA ILE A 129 -11.65 -2.96 -25.51
C ILE A 129 -10.15 -3.22 -25.40
N MET A 130 -9.36 -2.74 -26.36
CA MET A 130 -7.95 -2.70 -26.01
C MET A 130 -7.34 -1.31 -26.16
N TYR A 131 -7.75 -0.56 -27.18
CA TYR A 131 -7.30 0.82 -27.32
C TYR A 131 -8.10 1.82 -26.47
N PRO A 132 -9.44 1.82 -26.50
CA PRO A 132 -10.15 2.87 -25.74
C PRO A 132 -10.00 2.75 -24.23
N THR A 133 -10.08 1.54 -23.68
CA THR A 133 -9.93 1.39 -22.24
C THR A 133 -8.50 1.66 -21.78
N SER A 134 -7.51 1.33 -22.61
CA SER A 134 -6.14 1.69 -22.27
C SER A 134 -5.94 3.21 -22.30
N LEU A 135 -6.55 3.88 -23.29
CA LEU A 135 -6.52 5.34 -23.31
C LEU A 135 -7.18 5.91 -22.07
N ALA A 136 -8.29 5.30 -21.64
CA ALA A 136 -8.99 5.70 -20.43
C ALA A 136 -8.08 5.56 -19.21
N VAL A 137 -7.37 4.45 -19.12
CA VAL A 137 -6.45 4.23 -18.00
C VAL A 137 -5.34 5.27 -18.00
N ILE A 138 -4.79 5.58 -19.18
CA ILE A 138 -3.70 6.56 -19.28
C ILE A 138 -4.18 7.93 -18.82
N SER A 139 -5.33 8.38 -19.32
CA SER A 139 -5.84 9.69 -18.95
C SER A 139 -6.21 9.74 -17.47
N MET A 140 -6.82 8.67 -16.95
CA MET A 140 -7.25 8.68 -15.55
C MET A 140 -6.05 8.64 -14.61
N THR A 141 -4.98 7.93 -14.97
CA THR A 141 -3.80 7.97 -14.12
C THR A 141 -3.05 9.30 -14.24
N PHE A 142 -3.16 9.98 -15.38
CA PHE A 142 -2.67 11.35 -15.46
C PHE A 142 -3.40 12.23 -14.45
N SER A 143 -4.73 12.14 -14.41
CA SER A 143 -5.50 12.95 -13.47
C SER A 143 -5.17 12.58 -12.03
N ASN A 144 -5.03 11.28 -11.75
CA ASN A 144 -4.73 10.83 -10.40
C ASN A 144 -3.36 11.32 -9.93
N TYR A 145 -2.37 11.30 -10.82
CA TYR A 145 -1.04 11.77 -10.41
C TYR A 145 -0.98 13.28 -10.32
N VAL A 146 -1.79 13.99 -11.10
CA VAL A 146 -1.81 15.45 -10.98
C VAL A 146 -2.48 15.87 -9.68
N LEU A 147 -3.56 15.21 -9.31
CA LEU A 147 -4.32 15.63 -8.13
C LEU A 147 -3.67 15.28 -6.80
N GLN A 148 -2.67 14.40 -6.79
CA GLN A 148 -2.12 13.90 -5.54
C GLN A 148 -1.21 14.91 -4.83
N PRO A 149 -0.44 15.76 -5.56
CA PRO A 149 0.26 16.89 -4.92
C PRO A 149 -0.50 17.64 -3.85
N VAL A 150 -1.74 18.04 -4.15
CA VAL A 150 -2.49 18.87 -3.21
C VAL A 150 -3.04 18.06 -2.02
N PHE A 151 -3.15 16.74 -2.16
CA PHE A 151 -3.62 15.86 -1.07
C PHE A 151 -2.57 14.79 -0.83
N PRO A 152 -1.61 15.03 0.06
CA PRO A 152 -0.50 14.09 0.23
C PRO A 152 -0.90 12.73 0.77
N ASN A 153 -1.61 12.71 1.91
CA ASN A 153 -2.07 11.45 2.49
C ASN A 153 -3.59 11.49 2.60
N CYS A 154 -4.24 11.90 1.52
CA CYS A 154 -5.65 12.22 1.51
C CYS A 154 -6.24 11.75 0.20
N ILE A 155 -7.49 11.27 0.24
CA ILE A 155 -8.16 10.76 -0.95
C ILE A 155 -8.85 11.93 -1.65
N PRO A 156 -8.53 12.18 -2.92
CA PRO A 156 -9.19 13.26 -3.65
C PRO A 156 -10.61 12.87 -4.03
N PRO A 157 -11.50 13.84 -4.25
CA PRO A 157 -12.83 13.50 -4.75
C PRO A 157 -12.76 12.90 -6.15
N THR A 158 -13.64 11.93 -6.40
CA THR A 158 -13.60 11.21 -7.68
C THR A 158 -14.06 12.10 -8.84
N THR A 159 -14.98 13.02 -8.58
CA THR A 159 -15.51 13.88 -9.64
C THR A 159 -14.42 14.75 -10.24
N ALA A 160 -13.55 15.31 -9.40
CA ALA A 160 -12.46 16.15 -9.89
C ALA A 160 -11.51 15.35 -10.78
N SER A 161 -11.17 14.13 -10.36
CA SER A 161 -10.27 13.29 -11.15
C SER A 161 -10.89 12.93 -12.49
N ARG A 162 -12.18 12.56 -12.48
CA ARG A 162 -12.84 12.19 -13.73
C ARG A 162 -12.95 13.38 -14.67
N VAL A 163 -13.27 14.56 -14.14
CA VAL A 163 -13.39 15.75 -14.97
C VAL A 163 -12.04 16.13 -15.55
N LEU A 164 -10.97 16.07 -14.75
CA LEU A 164 -9.63 16.37 -15.24
C LEU A 164 -9.21 15.38 -16.32
N SER A 165 -9.52 14.10 -16.13
CA SER A 165 -9.19 13.09 -17.14
C SER A 165 -9.95 13.35 -18.44
N MET A 166 -11.22 13.72 -18.36
CA MET A 166 -11.99 14.04 -19.55
C MET A 166 -11.40 15.24 -20.28
N ALA A 167 -11.02 16.27 -19.52
CA ALA A 167 -10.42 17.46 -20.14
C ALA A 167 -9.11 17.12 -20.82
N CYS A 168 -8.28 16.30 -20.19
CA CYS A 168 -7.02 15.87 -20.78
C CYS A 168 -7.25 15.10 -22.07
N LEU A 169 -8.23 14.20 -22.07
CA LEU A 169 -8.46 13.38 -23.25
C LEU A 169 -9.01 14.21 -24.41
N MET A 170 -9.89 15.17 -24.11
CA MET A 170 -10.37 16.07 -25.16
C MET A 170 -9.24 16.94 -25.72
N LEU A 171 -8.36 17.44 -24.84
CA LEU A 171 -7.23 18.22 -25.29
C LEU A 171 -6.33 17.41 -26.21
N LEU A 172 -6.07 16.16 -25.85
CA LEU A 172 -5.19 15.34 -26.68
C LEU A 172 -5.85 14.94 -27.99
N THR A 173 -7.17 14.73 -27.99
CA THR A 173 -7.87 14.47 -29.25
C THR A 173 -7.75 15.67 -30.18
N TRP A 174 -7.94 16.88 -29.65
CA TRP A 174 -7.79 18.07 -30.49
C TRP A 174 -6.34 18.25 -30.95
N VAL A 175 -5.38 17.90 -30.09
CA VAL A 175 -3.97 18.04 -30.45
C VAL A 175 -3.60 17.08 -31.57
N ASN A 176 -4.07 15.83 -31.48
CA ASN A 176 -3.82 14.86 -32.54
C ASN A 176 -4.51 15.29 -33.83
N SER A 177 -5.69 15.90 -33.72
CA SER A 177 -6.35 16.45 -34.90
C SER A 177 -5.71 17.79 -35.28
N SER A 178 -6.28 18.41 -36.32
CA SER A 178 -5.87 19.73 -36.81
C SER A 178 -4.39 19.79 -37.18
N SER A 179 -3.58 20.38 -36.31
CA SER A 179 -2.18 20.64 -36.61
C SER A 179 -1.37 19.36 -36.47
N VAL A 180 -1.18 18.66 -37.59
CA VAL A 180 -0.34 17.47 -37.62
C VAL A 180 1.13 17.82 -37.83
N ARG A 181 1.42 19.04 -38.30
CA ARG A 181 2.78 19.42 -38.65
C ARG A 181 3.71 19.45 -37.45
N TRP A 182 3.21 19.87 -36.28
CA TRP A 182 4.02 19.97 -35.08
C TRP A 182 3.64 18.98 -33.98
N ALA A 183 2.61 18.17 -34.20
CA ALA A 183 2.21 17.18 -33.20
C ALA A 183 3.30 16.15 -32.94
N THR A 184 4.06 15.79 -33.99
CA THR A 184 5.14 14.83 -33.84
C THR A 184 6.21 15.35 -32.89
N ARG A 185 6.65 16.62 -33.07
CA ARG A 185 7.65 17.17 -32.18
C ARG A 185 7.08 17.47 -30.80
N ILE A 186 5.78 17.72 -30.71
CA ILE A 186 5.13 17.88 -29.40
C ILE A 186 5.21 16.56 -28.62
N GLN A 187 4.88 15.45 -29.27
CA GLN A 187 5.00 14.15 -28.65
C GLN A 187 6.46 13.80 -28.35
N ASP A 188 7.39 14.27 -29.19
CA ASP A 188 8.80 14.07 -28.93
C ASP A 188 9.25 14.82 -27.67
N MET A 189 8.75 16.04 -27.47
CA MET A 189 9.04 16.78 -26.26
C MET A 189 8.46 16.08 -25.03
N PHE A 190 7.27 15.51 -25.17
CA PHE A 190 6.68 14.73 -24.08
C PHE A 190 7.56 13.53 -23.72
N THR A 191 8.04 12.80 -24.73
CA THR A 191 8.91 11.67 -24.45
C THR A 191 10.25 12.12 -23.89
N GLY A 192 10.73 13.29 -24.29
CA GLY A 192 11.93 13.82 -23.67
C GLY A 192 11.76 14.10 -22.19
N GLY A 193 10.59 14.65 -21.82
CA GLY A 193 10.26 14.77 -20.41
C GLY A 193 10.20 13.42 -19.71
N LYS A 194 9.68 12.41 -20.41
CA LYS A 194 9.67 11.04 -19.88
C LYS A 194 11.09 10.56 -19.56
N LEU A 195 12.01 10.70 -20.51
CA LEU A 195 13.38 10.26 -20.29
C LEU A 195 14.03 11.04 -19.17
N LEU A 196 13.77 12.36 -19.08
CA LEU A 196 14.32 13.16 -18.00
C LEU A 196 13.85 12.65 -16.64
N ALA A 197 12.54 12.41 -16.51
CA ALA A 197 12.00 11.91 -15.24
C ALA A 197 12.60 10.56 -14.86
N LEU A 198 12.63 9.63 -15.83
CA LEU A 198 13.15 8.30 -15.53
C LEU A 198 14.64 8.34 -15.20
N SER A 199 15.40 9.17 -15.91
CA SER A 199 16.82 9.31 -15.62
C SER A 199 17.07 9.91 -14.24
N LEU A 200 16.23 10.88 -13.85
CA LEU A 200 16.34 11.43 -12.49
C LEU A 200 16.07 10.35 -11.45
N ILE A 201 15.07 9.51 -11.69
CA ILE A 201 14.77 8.40 -10.79
C ILE A 201 15.97 7.45 -10.69
N ILE A 202 16.56 7.13 -11.86
CA ILE A 202 17.74 6.29 -11.92
C ILE A 202 18.86 6.88 -11.07
N GLY A 203 19.11 8.18 -11.23
CA GLY A 203 20.14 8.88 -10.49
C GLY A 203 19.96 8.84 -8.99
N VAL A 204 18.77 9.23 -8.51
CA VAL A 204 18.57 9.28 -7.05
C VAL A 204 18.68 7.88 -6.47
N GLY A 205 18.06 6.89 -7.12
CA GLY A 205 18.14 5.53 -6.60
C GLY A 205 19.56 4.99 -6.57
N LEU A 206 20.28 5.17 -7.68
CA LEU A 206 21.64 4.62 -7.79
C LEU A 206 22.58 5.27 -6.78
N LEU A 207 22.52 6.60 -6.64
CA LEU A 207 23.33 7.25 -5.61
C LEU A 207 22.88 6.85 -4.21
N GLN A 208 21.60 6.50 -4.05
CA GLN A 208 21.08 6.18 -2.72
C GLN A 208 21.56 4.82 -2.22
N ILE A 209 21.62 3.82 -3.10
CA ILE A 209 21.99 2.46 -2.66
C ILE A 209 23.36 2.43 -1.99
N PHE A 210 24.26 3.33 -2.39
CA PHE A 210 25.61 3.32 -1.82
C PHE A 210 25.61 3.61 -0.33
N GLN A 211 24.66 4.40 0.17
CA GLN A 211 24.63 4.77 1.58
C GLN A 211 24.11 3.62 2.45
N GLY A 212 24.83 2.49 2.38
CA GLY A 212 24.47 1.23 2.99
C GLY A 212 23.00 0.87 2.91
N HIS A 213 22.36 1.20 1.79
CA HIS A 213 20.91 1.07 1.69
C HIS A 213 20.50 -0.36 1.32
N PHE A 214 20.79 -1.30 2.20
CA PHE A 214 20.28 -2.65 2.07
C PHE A 214 18.91 -2.81 2.75
N GLU A 215 18.29 -1.72 3.17
CA GLU A 215 16.96 -1.79 3.76
C GLU A 215 15.91 -2.10 2.69
N GLU A 216 14.90 -2.87 3.09
CA GLU A 216 13.87 -3.46 2.22
C GLU A 216 14.44 -4.10 0.95
N LEU A 217 15.66 -4.64 1.05
CA LEU A 217 16.25 -5.33 -0.09
C LEU A 217 16.59 -6.78 0.21
N ARG A 218 17.41 -7.00 1.26
CA ARG A 218 17.85 -8.33 1.65
C ARG A 218 16.70 -9.16 2.21
N PRO A 219 16.74 -10.49 2.05
CA PRO A 219 15.65 -11.36 2.54
C PRO A 219 15.30 -11.21 4.02
N SER A 220 16.24 -10.84 4.89
CA SER A 220 15.88 -10.54 6.28
C SER A 220 14.82 -9.46 6.36
N ASN A 221 14.86 -8.50 5.43
CA ASN A 221 13.89 -7.43 5.27
C ASN A 221 13.21 -7.42 3.89
N ALA A 222 13.02 -8.60 3.30
CA ALA A 222 12.30 -8.70 2.03
C ALA A 222 11.42 -9.94 1.97
N PHE A 223 11.25 -10.64 3.08
CA PHE A 223 10.44 -11.86 3.15
C PHE A 223 9.43 -11.80 4.27
N ALA A 224 8.85 -10.62 4.50
CA ALA A 224 7.77 -10.47 5.48
C ALA A 224 6.45 -10.61 4.74
N PHE A 225 5.70 -11.67 5.03
CA PHE A 225 4.45 -11.98 4.33
C PHE A 225 3.28 -11.48 5.17
N TRP A 226 2.85 -10.24 4.88
CA TRP A 226 1.61 -9.74 5.47
C TRP A 226 0.40 -10.49 4.92
N MET A 227 0.50 -11.01 3.71
CA MET A 227 -0.54 -11.81 3.09
C MET A 227 0.08 -13.13 2.64
N THR A 228 -0.67 -14.22 2.80
CA THR A 228 -0.15 -15.54 2.51
C THR A 228 0.22 -15.66 1.03
N PRO A 229 1.32 -16.32 0.70
CA PRO A 229 1.72 -16.45 -0.72
C PRO A 229 0.77 -17.33 -1.51
N SER A 230 -0.01 -16.71 -2.39
CA SER A 230 -0.94 -17.44 -3.24
C SER A 230 -0.53 -17.27 -4.70
N VAL A 231 -0.81 -18.29 -5.49
CA VAL A 231 -0.34 -18.32 -6.87
C VAL A 231 -1.36 -17.72 -7.82
N GLY A 232 -2.65 -17.81 -7.50
CA GLY A 232 -3.65 -17.08 -8.27
C GLY A 232 -3.48 -15.57 -8.15
N HIS A 233 -3.25 -15.09 -6.93
CA HIS A 233 -2.89 -13.70 -6.75
C HIS A 233 -1.54 -13.38 -7.39
N LEU A 234 -0.64 -14.35 -7.48
CA LEU A 234 0.60 -14.15 -8.21
C LEU A 234 0.34 -13.90 -9.69
N ALA A 235 -0.59 -14.66 -10.29
CA ALA A 235 -0.96 -14.41 -11.69
C ALA A 235 -1.65 -13.07 -11.84
N LEU A 236 -2.50 -12.70 -10.88
CA LEU A 236 -3.15 -11.39 -10.94
C LEU A 236 -2.12 -10.27 -10.86
N ALA A 237 -1.09 -10.45 -10.03
CA ALA A 237 0.02 -9.50 -9.98
C ALA A 237 0.78 -9.48 -11.30
N PHE A 238 0.99 -10.65 -11.91
CA PHE A 238 1.66 -10.73 -13.19
C PHE A 238 0.90 -9.99 -14.29
N LEU A 239 -0.41 -9.90 -14.15
CA LEU A 239 -1.21 -9.14 -15.11
C LEU A 239 -0.81 -7.67 -15.15
N GLN A 240 -0.49 -7.09 -13.98
CA GLN A 240 -0.10 -5.68 -13.96
C GLN A 240 1.25 -5.46 -14.66
N GLY A 241 2.22 -6.34 -14.43
CA GLY A 241 3.46 -6.27 -15.19
C GLY A 241 3.25 -6.50 -16.67
N SER A 242 2.28 -7.35 -17.02
CA SER A 242 1.91 -7.54 -18.42
C SER A 242 1.40 -6.24 -19.02
N PHE A 243 0.56 -5.50 -18.30
CA PHE A 243 0.10 -4.22 -18.79
C PHE A 243 1.25 -3.23 -18.90
N ALA A 244 2.19 -3.28 -17.95
CA ALA A 244 3.35 -2.41 -18.01
C ALA A 244 4.20 -2.69 -19.23
N PHE A 245 4.28 -3.96 -19.66
CA PHE A 245 5.06 -4.34 -20.82
C PHE A 245 4.27 -4.26 -22.13
N SER A 246 3.20 -3.46 -22.15
CA SER A 246 2.43 -3.30 -23.37
C SER A 246 3.21 -2.47 -24.40
N GLY A 247 2.79 -2.59 -25.66
CA GLY A 247 3.44 -1.91 -26.75
C GLY A 247 4.25 -2.81 -27.65
N TRP A 248 4.54 -4.04 -27.22
CA TRP A 248 5.27 -4.98 -28.07
C TRP A 248 4.41 -5.54 -29.20
N ASN A 249 3.10 -5.27 -29.19
CA ASN A 249 2.26 -5.54 -30.35
C ASN A 249 2.40 -4.49 -31.43
N PHE A 250 3.20 -3.44 -31.19
CA PHE A 250 3.31 -2.31 -32.11
C PHE A 250 4.60 -2.31 -32.92
N LEU A 251 5.56 -3.17 -32.60
CA LEU A 251 6.82 -3.16 -33.35
C LEU A 251 6.70 -3.73 -34.75
N ASN A 252 5.55 -4.32 -35.11
CA ASN A 252 5.44 -5.03 -36.38
C ASN A 252 5.32 -4.09 -37.58
N TYR A 253 4.91 -2.84 -37.36
CA TYR A 253 4.74 -1.90 -38.47
C TYR A 253 6.06 -1.58 -39.15
N VAL A 254 6.95 -0.93 -38.41
CA VAL A 254 8.09 -0.25 -39.02
C VAL A 254 9.30 -1.17 -39.18
N THR A 255 9.32 -2.33 -38.52
CA THR A 255 10.42 -3.26 -38.67
C THR A 255 10.51 -3.77 -40.10
N GLU A 256 9.36 -4.00 -40.74
CA GLU A 256 9.34 -4.38 -42.15
C GLU A 256 9.32 -3.16 -43.08
N GLU A 257 8.59 -2.10 -42.71
CA GLU A 257 8.50 -0.89 -43.52
C GLU A 257 9.67 0.05 -43.22
N MET A 258 10.87 -0.46 -43.48
CA MET A 258 12.12 0.27 -43.28
C MET A 258 13.17 -0.38 -44.18
N VAL A 259 14.44 -0.12 -43.89
CA VAL A 259 15.53 -0.84 -44.54
C VAL A 259 15.33 -2.34 -44.32
N ASP A 260 15.51 -3.11 -45.40
CA ASP A 260 15.18 -4.52 -45.39
C ASP A 260 16.05 -5.29 -44.40
N ALA A 261 15.41 -6.19 -43.65
CA ALA A 261 16.10 -7.01 -42.66
C ALA A 261 16.69 -8.23 -43.37
N ARG A 262 17.93 -8.07 -43.85
CA ARG A 262 18.63 -9.14 -44.55
C ARG A 262 19.11 -10.15 -43.51
N LYS A 263 18.18 -11.02 -43.11
CA LYS A 263 18.39 -11.99 -42.02
C LYS A 263 18.84 -11.30 -40.74
N ASN A 264 18.20 -10.17 -40.43
CA ASN A 264 18.51 -9.41 -39.22
C ASN A 264 17.65 -9.89 -38.05
N LEU A 265 17.82 -11.17 -37.72
CA LEU A 265 17.02 -11.77 -36.64
C LEU A 265 17.27 -11.19 -35.25
N PRO A 266 18.53 -11.06 -34.74
CA PRO A 266 18.68 -10.87 -33.30
C PRO A 266 18.40 -9.46 -32.79
N ARG A 267 18.73 -8.45 -33.60
CA ARG A 267 18.82 -7.07 -33.12
C ARG A 267 17.49 -6.57 -32.55
N ALA A 268 16.39 -6.83 -33.28
CA ALA A 268 15.09 -6.26 -32.93
C ALA A 268 14.53 -6.76 -31.61
N ILE A 269 15.09 -7.81 -31.03
CA ILE A 269 14.66 -8.32 -29.74
C ILE A 269 15.74 -8.17 -28.67
N PHE A 270 17.00 -8.41 -29.02
CA PHE A 270 18.08 -8.35 -28.04
C PHE A 270 18.71 -6.96 -27.94
N ILE A 271 18.17 -5.96 -28.63
CA ILE A 271 18.45 -4.57 -28.29
C ILE A 271 17.34 -3.97 -27.45
N SER A 272 16.19 -4.61 -27.35
CA SER A 272 15.05 -4.09 -26.62
C SER A 272 14.89 -4.75 -25.25
N ILE A 273 14.71 -6.07 -25.22
CA ILE A 273 14.20 -6.75 -24.04
C ILE A 273 15.10 -6.65 -22.81
N PRO A 274 16.38 -7.07 -22.84
CA PRO A 274 17.12 -7.14 -21.56
C PRO A 274 17.34 -5.78 -20.92
N LEU A 275 17.58 -4.75 -21.73
CA LEU A 275 17.75 -3.41 -21.18
C LEU A 275 16.49 -2.92 -20.48
N VAL A 276 15.32 -3.13 -21.10
CA VAL A 276 14.10 -2.60 -20.51
C VAL A 276 13.69 -3.39 -19.27
N THR A 277 13.89 -4.72 -19.26
CA THR A 277 13.52 -5.43 -18.03
C THR A 277 14.51 -5.13 -16.91
N PHE A 278 15.79 -4.93 -17.25
CA PHE A 278 16.76 -4.55 -16.23
C PHE A 278 16.43 -3.18 -15.64
N VAL A 279 16.10 -2.21 -16.50
CA VAL A 279 15.78 -0.88 -15.99
C VAL A 279 14.47 -0.90 -15.21
N TYR A 280 13.52 -1.78 -15.59
CA TYR A 280 12.27 -1.85 -14.85
C TYR A 280 12.47 -2.46 -13.47
N THR A 281 13.21 -3.57 -13.38
CA THR A 281 13.45 -4.17 -12.07
C THR A 281 14.36 -3.30 -11.21
N PHE A 282 15.25 -2.51 -11.83
CA PHE A 282 16.08 -1.62 -11.04
C PHE A 282 15.29 -0.40 -10.58
N THR A 283 14.32 0.05 -11.37
CA THR A 283 13.41 1.10 -10.91
C THR A 283 12.56 0.60 -9.74
N ASN A 284 12.12 -0.66 -9.80
CA ASN A 284 11.42 -1.24 -8.65
C ASN A 284 12.32 -1.32 -7.43
N ILE A 285 13.60 -1.67 -7.62
CA ILE A 285 14.56 -1.69 -6.53
C ILE A 285 14.74 -0.28 -5.94
N ALA A 286 14.81 0.72 -6.81
CA ALA A 286 14.95 2.11 -6.34
C ALA A 286 13.72 2.55 -5.58
N TYR A 287 12.52 2.17 -6.04
CA TYR A 287 11.30 2.44 -5.31
C TYR A 287 11.33 1.78 -3.94
N PHE A 288 11.88 0.57 -3.87
CA PHE A 288 11.85 -0.18 -2.61
C PHE A 288 12.87 0.33 -1.62
N THR A 289 14.00 0.87 -2.09
CA THR A 289 15.07 1.26 -1.18
C THR A 289 14.71 2.50 -0.36
N ALA A 290 13.85 3.37 -0.88
CA ALA A 290 13.49 4.61 -0.19
C ALA A 290 12.14 4.53 0.51
N MET A 291 11.56 3.34 0.64
CA MET A 291 10.23 3.22 1.21
C MET A 291 10.10 1.90 1.94
N SER A 292 9.38 1.92 3.06
CA SER A 292 8.96 0.68 3.68
C SER A 292 7.92 0.01 2.78
N PRO A 293 7.76 -1.32 2.90
CA PRO A 293 6.78 -2.02 2.05
C PRO A 293 5.36 -1.46 2.17
N GLN A 294 4.95 -1.08 3.37
CA GLN A 294 3.56 -0.70 3.61
C GLN A 294 3.19 0.59 2.89
N GLU A 295 4.11 1.57 2.87
CA GLU A 295 3.80 2.86 2.26
C GLU A 295 3.58 2.77 0.75
N LEU A 296 4.13 1.75 0.10
CA LEU A 296 4.01 1.65 -1.35
C LEU A 296 2.59 1.29 -1.77
N LEU A 297 1.96 0.33 -1.08
CA LEU A 297 0.59 -0.01 -1.42
C LEU A 297 -0.43 0.72 -0.56
N SER A 298 0.00 1.46 0.45
CA SER A 298 -0.95 2.21 1.28
C SER A 298 -1.17 3.62 0.74
N SER A 299 -1.45 3.70 -0.56
CA SER A 299 -1.71 4.94 -1.27
C SER A 299 -2.23 4.58 -2.66
N ASN A 300 -2.79 5.58 -3.34
CA ASN A 300 -3.21 5.44 -4.72
C ASN A 300 -2.15 5.93 -5.70
N ALA A 301 -0.98 6.32 -5.22
CA ALA A 301 0.11 6.79 -6.06
C ALA A 301 1.41 6.13 -5.63
N VAL A 302 2.22 5.75 -6.60
CA VAL A 302 3.53 5.17 -6.32
C VAL A 302 4.61 6.26 -6.29
N ALA A 303 4.59 7.15 -7.27
CA ALA A 303 5.47 8.30 -7.28
C ALA A 303 4.87 9.40 -6.39
N VAL A 304 5.39 10.62 -6.53
CA VAL A 304 5.00 11.81 -5.76
C VAL A 304 5.34 11.64 -4.28
N THR A 305 4.87 10.54 -3.67
CA THR A 305 5.35 10.19 -2.34
C THR A 305 6.85 9.92 -2.34
N PHE A 306 7.36 9.35 -3.44
CA PHE A 306 8.81 9.23 -3.63
C PHE A 306 9.49 10.58 -3.56
N GLY A 307 8.97 11.58 -4.27
CA GLY A 307 9.54 12.90 -4.23
C GLY A 307 9.42 13.54 -2.86
N GLU A 308 8.31 13.27 -2.17
CA GLU A 308 8.06 13.92 -0.88
C GLU A 308 8.93 13.33 0.23
N LYS A 309 9.25 12.04 0.16
CA LYS A 309 9.97 11.42 1.27
C LYS A 309 11.44 11.83 1.33
N LEU A 310 11.97 12.45 0.28
CA LEU A 310 13.37 12.89 0.26
C LEU A 310 13.40 14.19 -0.53
N LEU A 311 14.60 14.64 -0.93
CA LEU A 311 14.85 15.81 -1.77
C LEU A 311 14.09 17.05 -1.29
N GLY A 312 12.98 17.38 -1.95
CA GLY A 312 12.13 18.46 -1.48
C GLY A 312 11.58 19.41 -2.54
N TYR A 313 12.37 19.69 -3.58
CA TYR A 313 11.93 20.50 -4.70
C TYR A 313 11.94 19.74 -6.02
N PHE A 314 12.74 18.69 -6.13
CA PHE A 314 12.49 17.69 -7.15
C PHE A 314 11.14 17.02 -6.93
N SER A 315 10.62 17.04 -5.71
CA SER A 315 9.25 16.65 -5.43
C SER A 315 8.25 17.49 -6.20
N TRP A 316 8.62 18.73 -6.56
CA TRP A 316 7.76 19.56 -7.39
C TRP A 316 8.14 19.51 -8.86
N VAL A 317 9.40 19.20 -9.18
CA VAL A 317 9.75 19.05 -10.60
C VAL A 317 9.28 17.71 -11.17
N MET A 318 8.98 16.71 -10.33
CA MET A 318 8.71 15.36 -10.83
C MET A 318 7.29 15.14 -11.36
N PRO A 319 6.21 15.50 -10.64
CA PRO A 319 4.87 15.17 -11.15
C PRO A 319 4.53 15.83 -12.47
N VAL A 320 5.07 17.02 -12.73
CA VAL A 320 4.84 17.65 -14.03
C VAL A 320 5.52 16.84 -15.14
N SER A 321 6.70 16.31 -14.86
CA SER A 321 7.38 15.45 -15.84
C SER A 321 6.61 14.15 -16.05
N VAL A 322 6.01 13.61 -14.99
CA VAL A 322 5.20 12.40 -15.16
C VAL A 322 3.96 12.72 -15.98
N ALA A 323 3.39 13.91 -15.79
CA ALA A 323 2.27 14.35 -16.62
C ALA A 323 2.68 14.47 -18.08
N LEU A 324 3.87 14.98 -18.34
CA LEU A 324 4.39 15.03 -19.71
C LEU A 324 4.54 13.63 -20.31
N SER A 325 5.05 12.68 -19.52
CA SER A 325 5.22 11.32 -20.05
C SER A 325 3.88 10.68 -20.39
N THR A 326 2.88 10.82 -19.51
CA THR A 326 1.59 10.21 -19.82
C THR A 326 0.90 10.94 -20.96
N PHE A 327 1.17 12.25 -21.12
CA PHE A 327 0.70 12.97 -22.30
C PHE A 327 1.26 12.36 -23.57
N GLY A 328 2.57 12.08 -23.57
CA GLY A 328 3.18 11.42 -24.71
C GLY A 328 2.63 10.03 -24.95
N GLY A 329 2.32 9.32 -23.86
CA GLY A 329 1.76 7.98 -24.00
C GLY A 329 0.40 7.99 -24.68
N ILE A 330 -0.49 8.89 -24.25
CA ILE A 330 -1.80 8.93 -24.88
C ILE A 330 -1.69 9.44 -26.31
N ASN A 331 -0.76 10.37 -26.59
CA ASN A 331 -0.56 10.82 -27.96
C ASN A 331 -0.09 9.68 -28.87
N GLY A 332 0.86 8.88 -28.40
CA GLY A 332 1.34 7.76 -29.19
C GLY A 332 0.27 6.70 -29.41
N TYR A 333 -0.54 6.43 -28.38
CA TYR A 333 -1.63 5.48 -28.54
C TYR A 333 -2.66 5.99 -29.54
N LEU A 334 -2.92 7.30 -29.54
CA LEU A 334 -3.83 7.89 -30.52
C LEU A 334 -3.28 7.74 -31.93
N PHE A 335 -1.98 7.98 -32.12
CA PHE A 335 -1.37 7.82 -33.43
C PHE A 335 -1.48 6.38 -33.92
N THR A 336 -1.14 5.42 -33.04
CA THR A 336 -1.19 4.02 -33.44
C THR A 336 -2.61 3.56 -33.75
N TYR A 337 -3.60 4.03 -32.98
CA TYR A 337 -4.95 3.56 -33.21
C TYR A 337 -5.56 4.28 -34.41
N SER A 338 -5.09 5.48 -34.75
CA SER A 338 -5.44 6.09 -36.02
C SER A 338 -4.89 5.28 -37.19
N ARG A 339 -3.66 4.76 -37.03
CA ARG A 339 -3.12 3.85 -38.04
C ARG A 339 -3.96 2.58 -38.15
N LEU A 340 -4.44 2.07 -37.02
CA LEU A 340 -5.40 0.96 -37.01
C LEU A 340 -6.64 1.30 -37.82
N CYS A 341 -7.17 2.51 -37.61
CA CYS A 341 -8.40 2.91 -38.29
C CYS A 341 -8.19 2.99 -39.80
N PHE A 342 -7.06 3.54 -40.23
CA PHE A 342 -6.77 3.59 -41.67
C PHE A 342 -6.62 2.18 -42.25
N SER A 343 -5.90 1.30 -41.54
CA SER A 343 -5.70 -0.06 -42.03
C SER A 343 -7.02 -0.80 -42.13
N GLY A 344 -7.91 -0.63 -41.14
CA GLY A 344 -9.21 -1.27 -41.21
C GLY A 344 -10.12 -0.64 -42.24
N ALA A 345 -9.91 0.65 -42.54
CA ALA A 345 -10.70 1.30 -43.58
C ALA A 345 -10.30 0.83 -44.97
N ARG A 346 -9.05 0.39 -45.14
CA ARG A 346 -8.64 -0.18 -46.42
C ARG A 346 -9.39 -1.47 -46.69
N GLU A 347 -9.53 -2.33 -45.68
CA GLU A 347 -10.13 -3.65 -45.87
C GLU A 347 -11.62 -3.61 -46.19
N GLY A 348 -12.29 -2.48 -45.97
CA GLY A 348 -13.70 -2.34 -46.24
C GLY A 348 -14.60 -2.61 -45.06
N HIS A 349 -14.19 -3.50 -44.15
CA HIS A 349 -14.95 -3.76 -42.94
C HIS A 349 -14.75 -2.62 -41.95
N LEU A 350 -15.42 -2.70 -40.79
CA LEU A 350 -15.42 -1.67 -39.76
C LEU A 350 -15.90 -0.38 -40.41
N PRO A 351 -17.24 -0.22 -40.57
CA PRO A 351 -17.83 0.42 -41.76
C PRO A 351 -17.07 1.54 -42.44
N SER A 352 -16.94 1.41 -43.77
CA SER A 352 -15.96 2.13 -44.57
C SER A 352 -16.11 3.65 -44.49
N LEU A 353 -17.27 4.16 -44.09
CA LEU A 353 -17.40 5.59 -43.88
C LEU A 353 -16.70 5.99 -42.60
N LEU A 354 -15.37 5.96 -42.61
CA LEU A 354 -14.54 6.23 -41.45
C LEU A 354 -13.10 6.50 -41.89
N ALA A 355 -12.50 7.55 -41.33
CA ALA A 355 -11.12 7.95 -41.60
C ALA A 355 -10.88 8.26 -43.09
N MET A 356 -11.57 9.31 -43.55
CA MET A 356 -11.30 9.91 -44.83
C MET A 356 -10.43 11.15 -44.65
N ILE A 357 -10.22 11.88 -45.72
CA ILE A 357 -9.65 13.22 -45.68
C ILE A 357 -10.80 14.22 -45.58
N HIS A 358 -10.58 15.32 -44.86
CA HIS A 358 -11.67 16.28 -44.65
C HIS A 358 -11.64 17.40 -45.69
N VAL A 359 -10.62 18.25 -45.67
CA VAL A 359 -10.42 19.21 -46.75
C VAL A 359 -8.97 19.27 -47.23
N ARG A 360 -8.05 19.62 -46.33
CA ARG A 360 -6.68 19.95 -46.73
C ARG A 360 -5.62 19.27 -45.87
N HIS A 361 -5.85 19.13 -44.57
CA HIS A 361 -4.84 18.60 -43.66
C HIS A 361 -4.81 17.08 -43.61
N CYS A 362 -5.71 16.41 -44.35
CA CYS A 362 -5.80 14.94 -44.45
C CYS A 362 -5.79 14.26 -43.08
N THR A 363 -6.53 14.85 -42.13
CA THR A 363 -6.61 14.37 -40.75
C THR A 363 -7.83 13.48 -40.58
N PRO A 364 -7.70 12.31 -39.94
CA PRO A 364 -8.85 11.43 -39.77
C PRO A 364 -9.86 11.96 -38.76
N ILE A 365 -10.67 12.93 -39.20
CA ILE A 365 -11.67 13.52 -38.30
C ILE A 365 -12.72 12.52 -37.82
N PRO A 366 -13.35 11.70 -38.67
CA PRO A 366 -14.38 10.78 -38.13
C PRO A 366 -13.82 9.68 -37.25
N ALA A 367 -12.50 9.43 -37.26
CA ALA A 367 -11.94 8.40 -36.39
C ALA A 367 -11.89 8.85 -34.94
N LEU A 368 -11.59 10.13 -34.71
CA LEU A 368 -11.33 10.59 -33.35
C LEU A 368 -12.60 10.72 -32.53
N LEU A 369 -13.75 10.97 -33.17
CA LEU A 369 -15.00 11.02 -32.43
C LEU A 369 -15.39 9.63 -31.92
N VAL A 370 -15.26 8.61 -32.78
CA VAL A 370 -15.49 7.23 -32.38
C VAL A 370 -14.47 6.82 -31.32
N CYS A 371 -13.26 7.36 -31.41
CA CYS A 371 -12.28 7.15 -30.34
C CYS A 371 -12.77 7.72 -29.02
N CYS A 372 -13.17 8.99 -29.02
CA CYS A 372 -13.44 9.69 -27.77
C CYS A 372 -14.72 9.21 -27.11
N GLY A 373 -15.68 8.70 -27.88
CA GLY A 373 -16.92 8.23 -27.27
C GLY A 373 -16.71 7.00 -26.38
N ALA A 374 -15.91 6.04 -26.86
CA ALA A 374 -15.70 4.80 -26.12
C ALA A 374 -14.88 5.03 -24.85
N THR A 375 -14.14 6.13 -24.77
CA THR A 375 -13.46 6.51 -23.54
C THR A 375 -14.29 7.44 -22.66
N ALA A 376 -15.19 8.22 -23.25
CA ALA A 376 -16.11 9.01 -22.45
C ALA A 376 -17.07 8.11 -21.68
N VAL A 377 -17.42 6.96 -22.25
CA VAL A 377 -18.22 5.98 -21.52
C VAL A 377 -17.46 5.50 -20.28
N ILE A 378 -16.16 5.24 -20.42
CA ILE A 378 -15.36 4.77 -19.28
C ILE A 378 -15.17 5.88 -18.25
N MET A 379 -14.99 7.12 -18.71
CA MET A 379 -14.98 8.27 -17.79
C MET A 379 -16.29 8.39 -17.05
N LEU A 380 -17.40 8.03 -17.67
CA LEU A 380 -18.67 8.01 -16.95
C LEU A 380 -18.70 6.92 -15.90
N VAL A 381 -18.32 5.69 -16.27
CA VAL A 381 -18.35 4.56 -15.35
C VAL A 381 -17.05 3.77 -15.49
N GLY A 382 -16.33 3.59 -14.39
CA GLY A 382 -15.15 2.76 -14.42
C GLY A 382 -14.28 2.96 -13.19
N ASP A 383 -13.28 2.08 -13.08
CA ASP A 383 -12.25 2.16 -12.04
C ASP A 383 -10.90 1.90 -12.70
N THR A 384 -9.86 1.71 -11.89
CA THR A 384 -8.50 1.58 -12.42
C THR A 384 -8.05 0.13 -12.59
N TYR A 385 -7.96 -0.63 -11.50
CA TYR A 385 -7.19 -1.87 -11.55
C TYR A 385 -7.99 -3.04 -12.07
N THR A 386 -9.31 -3.03 -11.89
CA THR A 386 -10.16 -4.00 -12.58
C THR A 386 -10.02 -3.82 -14.09
N LEU A 387 -9.96 -2.57 -14.55
CA LEU A 387 -9.72 -2.31 -15.96
C LEU A 387 -8.33 -2.73 -16.39
N ILE A 388 -7.33 -2.60 -15.52
CA ILE A 388 -5.99 -3.07 -15.84
C ILE A 388 -6.00 -4.57 -16.08
N ASN A 389 -6.67 -5.31 -15.19
CA ASN A 389 -6.80 -6.76 -15.37
C ASN A 389 -7.56 -7.10 -16.64
N TYR A 390 -8.61 -6.33 -16.94
CA TYR A 390 -9.37 -6.52 -18.17
C TYR A 390 -8.49 -6.38 -19.40
N VAL A 391 -7.72 -5.29 -19.46
CA VAL A 391 -6.85 -5.04 -20.62
C VAL A 391 -5.81 -6.14 -20.75
N SER A 392 -5.20 -6.53 -19.63
CA SER A 392 -4.16 -7.57 -19.65
C SER A 392 -4.71 -8.89 -20.16
N PHE A 393 -5.88 -9.30 -19.65
CA PHE A 393 -6.49 -10.55 -20.09
C PHE A 393 -6.79 -10.49 -21.58
N ILE A 394 -7.36 -9.37 -22.05
CA ILE A 394 -7.79 -9.30 -23.45
C ILE A 394 -6.60 -9.31 -24.39
N ASN A 395 -5.56 -8.52 -24.10
CA ASN A 395 -4.50 -8.47 -25.10
C ASN A 395 -3.67 -9.74 -25.08
N TYR A 396 -3.50 -10.38 -23.91
CA TYR A 396 -2.83 -11.68 -23.93
C TYR A 396 -3.67 -12.75 -24.62
N LEU A 397 -4.99 -12.69 -24.53
CA LEU A 397 -5.82 -13.59 -25.33
C LEU A 397 -5.61 -13.33 -26.82
N CYS A 398 -5.45 -12.06 -27.19
CA CYS A 398 -5.20 -11.71 -28.59
C CYS A 398 -3.89 -12.29 -29.09
N TYR A 399 -2.80 -12.08 -28.35
CA TYR A 399 -1.53 -12.64 -28.84
C TYR A 399 -1.54 -14.17 -28.77
N GLY A 400 -2.27 -14.75 -27.82
CA GLY A 400 -2.37 -16.21 -27.80
C GLY A 400 -3.08 -16.76 -29.03
N VAL A 401 -4.16 -16.10 -29.45
CA VAL A 401 -4.86 -16.49 -30.67
C VAL A 401 -3.93 -16.36 -31.87
N THR A 402 -3.20 -15.24 -31.95
CA THR A 402 -2.29 -15.03 -33.08
C THR A 402 -1.18 -16.08 -33.10
N ILE A 403 -0.62 -16.40 -31.93
CA ILE A 403 0.47 -17.38 -31.86
C ILE A 403 -0.04 -18.78 -32.20
N LEU A 404 -1.23 -19.14 -31.72
CA LEU A 404 -1.80 -20.44 -32.07
C LEU A 404 -2.06 -20.54 -33.57
N GLY A 405 -2.57 -19.45 -34.17
CA GLY A 405 -2.76 -19.44 -35.62
C GLY A 405 -1.46 -19.58 -36.38
N LEU A 406 -0.40 -18.91 -35.90
CA LEU A 406 0.91 -19.01 -36.55
C LEU A 406 1.46 -20.42 -36.43
N LEU A 407 1.27 -21.06 -35.27
CA LEU A 407 1.72 -22.43 -35.10
C LEU A 407 0.97 -23.39 -36.00
N LEU A 408 -0.35 -23.20 -36.14
CA LEU A 408 -1.13 -24.04 -37.05
C LEU A 408 -0.72 -23.80 -38.50
N LEU A 409 -0.36 -22.55 -38.84
CA LEU A 409 0.18 -22.27 -40.17
C LEU A 409 1.49 -23.01 -40.39
N ARG A 410 2.39 -22.96 -39.40
CA ARG A 410 3.67 -23.66 -39.52
C ARG A 410 3.47 -25.16 -39.65
N TRP A 411 2.46 -25.70 -38.97
CA TRP A 411 2.10 -27.09 -39.15
C TRP A 411 1.59 -27.35 -40.56
N ARG A 412 0.86 -26.39 -41.13
CA ARG A 412 0.19 -26.56 -42.42
C ARG A 412 0.98 -26.04 -43.60
N ARG A 413 2.17 -25.50 -43.40
CA ARG A 413 2.92 -24.86 -44.50
C ARG A 413 4.25 -25.56 -44.75
N PRO A 414 4.38 -26.32 -45.84
CA PRO A 414 5.71 -26.76 -46.29
C PRO A 414 6.34 -25.89 -47.36
N ALA A 415 5.75 -24.74 -47.69
CA ALA A 415 6.18 -23.95 -48.84
C ALA A 415 6.54 -22.52 -48.48
N LEU A 416 6.77 -21.70 -49.51
CA LEU A 416 7.25 -20.32 -49.42
C LEU A 416 8.56 -20.19 -48.66
N HIS A 417 8.96 -18.94 -48.39
CA HIS A 417 10.32 -18.63 -47.94
C HIS A 417 10.24 -17.97 -46.57
N ARG A 418 11.04 -18.46 -45.62
CA ARG A 418 11.19 -17.86 -44.30
C ARG A 418 12.63 -17.42 -44.15
N PRO A 419 12.93 -16.13 -44.27
CA PRO A 419 14.33 -15.68 -44.15
C PRO A 419 14.94 -15.87 -42.76
N ILE A 420 14.12 -16.03 -41.73
CA ILE A 420 14.66 -16.16 -40.37
C ILE A 420 15.07 -17.60 -40.11
N LYS A 421 15.93 -17.78 -39.10
CA LYS A 421 16.29 -19.10 -38.63
C LYS A 421 15.11 -19.74 -37.90
N VAL A 422 14.97 -21.05 -38.07
CA VAL A 422 13.86 -21.76 -37.44
C VAL A 422 14.13 -21.87 -35.93
N ASN A 423 13.05 -21.88 -35.15
CA ASN A 423 13.13 -21.92 -33.69
C ASN A 423 12.50 -23.18 -33.11
N LEU A 424 11.22 -23.44 -33.41
CA LEU A 424 10.50 -24.69 -33.17
C LEU A 424 10.43 -25.13 -31.71
N LEU A 425 10.94 -24.33 -30.78
CA LEU A 425 10.80 -24.68 -29.36
C LEU A 425 10.25 -23.54 -28.51
N ILE A 426 10.66 -22.31 -28.79
CA ILE A 426 10.21 -21.16 -28.00
C ILE A 426 8.74 -20.85 -28.28
N PRO A 427 8.25 -20.92 -29.53
CA PRO A 427 6.78 -20.77 -29.71
C PRO A 427 5.94 -21.80 -28.97
N VAL A 428 6.32 -23.08 -28.97
CA VAL A 428 5.51 -24.06 -28.27
C VAL A 428 5.63 -23.89 -26.75
N ALA A 429 6.81 -23.44 -26.28
CA ALA A 429 6.94 -23.08 -24.87
C ALA A 429 6.00 -21.93 -24.50
N TYR A 430 5.92 -20.90 -25.35
CA TYR A 430 5.02 -19.79 -25.10
C TYR A 430 3.57 -20.29 -25.14
N LEU A 431 3.27 -21.20 -26.08
CA LEU A 431 1.91 -21.71 -26.24
C LEU A 431 1.44 -22.42 -24.97
N VAL A 432 2.26 -23.34 -24.45
CA VAL A 432 1.87 -24.04 -23.24
C VAL A 432 1.85 -23.08 -22.04
N PHE A 433 2.77 -22.11 -21.99
CA PHE A 433 2.77 -21.14 -20.90
C PHE A 433 1.50 -20.30 -20.89
N TRP A 434 1.08 -19.82 -22.06
CA TRP A 434 -0.11 -18.97 -22.16
C TRP A 434 -1.37 -19.78 -21.91
N ALA A 435 -1.40 -21.05 -22.36
CA ALA A 435 -2.54 -21.91 -22.04
C ALA A 435 -2.65 -22.12 -20.54
N PHE A 436 -1.51 -22.36 -19.88
CA PHE A 436 -1.50 -22.48 -18.42
C PHE A 436 -2.00 -21.20 -17.76
N LEU A 437 -1.55 -20.04 -18.25
CA LEU A 437 -1.99 -18.76 -17.70
C LEU A 437 -3.50 -18.59 -17.81
N LEU A 438 -4.08 -18.80 -18.99
CA LEU A 438 -5.51 -18.56 -19.15
C LEU A 438 -6.32 -19.57 -18.33
N VAL A 439 -5.95 -20.86 -18.39
CA VAL A 439 -6.70 -21.90 -17.70
C VAL A 439 -6.63 -21.69 -16.19
N PHE A 440 -5.46 -21.35 -15.68
CA PHE A 440 -5.31 -21.19 -14.24
C PHE A 440 -5.91 -19.86 -13.79
N SER A 441 -5.86 -18.82 -14.60
CA SER A 441 -6.28 -17.48 -14.19
C SER A 441 -7.76 -17.23 -14.41
N PHE A 442 -8.48 -18.16 -15.05
CA PHE A 442 -9.93 -18.01 -15.14
C PHE A 442 -10.63 -18.06 -13.77
N ILE A 443 -9.97 -18.58 -12.72
CA ILE A 443 -10.64 -18.74 -11.43
C ILE A 443 -10.94 -17.39 -10.78
N SER A 444 -10.17 -16.35 -11.13
CA SER A 444 -10.08 -15.10 -10.37
C SER A 444 -11.42 -14.44 -10.10
N GLU A 445 -12.08 -13.94 -11.15
CA GLU A 445 -13.39 -13.32 -11.03
C GLU A 445 -14.15 -13.51 -12.34
N PRO A 446 -15.34 -14.12 -12.31
CA PRO A 446 -16.12 -14.29 -13.54
C PRO A 446 -16.72 -12.99 -14.06
N MET A 447 -16.75 -11.93 -13.26
CA MET A 447 -17.42 -10.70 -13.68
C MET A 447 -16.71 -10.04 -14.86
N VAL A 448 -15.39 -10.01 -14.83
CA VAL A 448 -14.66 -9.38 -15.93
C VAL A 448 -14.53 -10.33 -17.13
N CYS A 449 -14.11 -11.57 -16.86
CA CYS A 449 -13.87 -12.52 -17.94
C CYS A 449 -15.14 -12.87 -18.68
N GLY A 450 -16.25 -13.04 -17.97
CA GLY A 450 -17.49 -13.40 -18.61
C GLY A 450 -18.00 -12.32 -19.56
N VAL A 451 -17.98 -11.07 -19.11
CA VAL A 451 -18.42 -10.00 -20.00
C VAL A 451 -17.44 -9.81 -21.15
N GLY A 452 -16.14 -10.03 -20.90
CA GLY A 452 -15.17 -9.92 -21.97
C GLY A 452 -15.38 -10.94 -23.07
N VAL A 453 -15.57 -12.21 -22.69
CA VAL A 453 -15.83 -13.23 -23.70
C VAL A 453 -17.22 -13.07 -24.31
N ILE A 454 -18.17 -12.47 -23.58
CA ILE A 454 -19.49 -12.23 -24.14
C ILE A 454 -19.42 -11.22 -25.28
N ILE A 455 -18.69 -10.11 -25.07
CA ILE A 455 -18.56 -9.16 -26.17
C ILE A 455 -17.52 -9.60 -27.19
N ILE A 456 -16.68 -10.57 -26.86
CA ILE A 456 -15.88 -11.24 -27.88
C ILE A 456 -16.80 -12.02 -28.83
N LEU A 457 -17.75 -12.76 -28.27
CA LEU A 457 -18.64 -13.57 -29.08
C LEU A 457 -19.68 -12.73 -29.80
N THR A 458 -20.00 -11.54 -29.27
CA THR A 458 -20.98 -10.65 -29.88
C THR A 458 -20.54 -10.13 -31.24
N GLY A 459 -19.26 -10.27 -31.59
CA GLY A 459 -18.84 -9.94 -32.93
C GLY A 459 -19.34 -10.90 -33.99
N VAL A 460 -19.65 -12.13 -33.61
CA VAL A 460 -20.10 -13.17 -34.55
C VAL A 460 -21.45 -12.84 -35.20
N PRO A 461 -22.52 -12.48 -34.46
CA PRO A 461 -23.79 -12.22 -35.15
C PRO A 461 -23.75 -11.06 -36.13
N ILE A 462 -23.10 -9.95 -35.76
CA ILE A 462 -22.98 -8.84 -36.69
C ILE A 462 -22.10 -9.23 -37.87
N PHE A 463 -21.08 -10.04 -37.63
CA PHE A 463 -20.21 -10.52 -38.71
C PHE A 463 -20.99 -11.30 -39.76
N PHE A 464 -21.75 -12.30 -39.33
CA PHE A 464 -22.45 -13.12 -40.31
C PHE A 464 -23.65 -12.39 -40.90
N LEU A 465 -24.34 -11.55 -40.11
CA LEU A 465 -25.44 -10.75 -40.63
C LEU A 465 -24.95 -9.74 -41.66
N GLY A 466 -23.70 -9.29 -41.55
CA GLY A 466 -23.15 -8.37 -42.52
C GLY A 466 -22.63 -9.06 -43.76
N VAL A 467 -21.83 -10.11 -43.59
CA VAL A 467 -21.26 -10.79 -44.74
C VAL A 467 -22.34 -11.45 -45.57
N PHE A 468 -23.29 -12.15 -44.93
CA PHE A 468 -24.32 -12.85 -45.68
C PHE A 468 -25.42 -11.91 -46.17
N TRP A 469 -25.71 -10.84 -45.45
CA TRP A 469 -26.92 -10.05 -45.71
C TRP A 469 -26.65 -8.56 -45.68
N ARG A 470 -25.62 -8.11 -46.41
CA ARG A 470 -25.50 -6.71 -46.78
C ARG A 470 -25.69 -6.48 -48.27
N SER A 471 -25.88 -7.54 -49.05
CA SER A 471 -26.13 -7.40 -50.48
C SER A 471 -27.49 -6.81 -50.79
N LYS A 472 -28.40 -6.77 -49.82
CA LYS A 472 -29.72 -6.20 -50.03
C LYS A 472 -29.62 -4.68 -50.16
N PRO A 473 -30.08 -4.09 -51.26
CA PRO A 473 -30.03 -2.61 -51.41
C PRO A 473 -31.17 -1.93 -50.66
N LYS A 474 -31.07 -1.96 -49.33
CA LYS A 474 -32.10 -1.35 -48.49
C LYS A 474 -32.00 0.18 -48.57
N CYS A 475 -33.05 0.84 -48.10
CA CYS A 475 -33.07 2.30 -48.08
C CYS A 475 -32.02 2.86 -47.13
N VAL A 476 -31.73 2.15 -46.04
CA VAL A 476 -30.68 2.59 -45.13
C VAL A 476 -29.30 2.39 -45.79
N HIS A 477 -29.12 1.28 -46.51
CA HIS A 477 -27.83 1.02 -47.15
C HIS A 477 -27.62 1.95 -48.34
N ARG A 478 -28.69 2.29 -49.06
CA ARG A 478 -28.57 3.20 -50.19
C ARG A 478 -28.25 4.62 -49.73
N LEU A 479 -28.87 5.06 -48.63
CA LEU A 479 -28.74 6.42 -48.14
C LEU A 479 -27.62 6.59 -47.11
N THR A 480 -26.81 5.54 -46.88
CA THR A 480 -25.72 5.66 -45.92
C THR A 480 -24.67 6.66 -46.38
N GLU A 481 -24.54 6.87 -47.70
CA GLU A 481 -23.58 7.82 -48.22
C GLU A 481 -23.99 9.26 -47.94
N SER A 482 -25.28 9.50 -47.68
CA SER A 482 -25.80 10.86 -47.59
C SER A 482 -25.35 11.60 -46.32
N MET A 483 -24.85 10.88 -45.30
CA MET A 483 -24.39 11.54 -44.09
C MET A 483 -22.88 11.73 -44.03
N THR A 484 -22.21 11.74 -45.19
CA THR A 484 -20.80 12.12 -45.19
C THR A 484 -20.62 13.62 -44.97
N HIS A 485 -21.64 14.42 -45.29
CA HIS A 485 -21.65 15.85 -45.00
C HIS A 485 -22.46 16.18 -43.75
N TRP A 486 -23.49 15.38 -43.45
CA TRP A 486 -24.29 15.58 -42.26
C TRP A 486 -23.56 15.18 -40.98
N GLY A 487 -22.40 14.54 -41.09
CA GLY A 487 -21.63 14.17 -39.93
C GLY A 487 -20.40 15.03 -39.73
N GLN A 488 -19.81 15.51 -40.83
CA GLN A 488 -18.61 16.34 -40.74
C GLN A 488 -18.54 17.21 -41.99
N GLU A 489 -17.69 18.24 -41.91
CA GLU A 489 -17.50 19.14 -43.04
C GLU A 489 -16.25 18.77 -43.83
N THR B 162 -19.38 1.35 -50.83
CA THR B 162 -18.68 2.29 -51.69
C THR B 162 -19.34 3.67 -51.62
N GLY B 163 -19.23 4.31 -50.45
CA GLY B 163 -19.81 5.63 -50.26
C GLY B 163 -18.80 6.75 -50.41
N LEU B 164 -17.73 6.50 -51.16
CA LEU B 164 -16.67 7.48 -51.35
C LEU B 164 -17.20 8.64 -52.19
N SER B 165 -17.44 9.77 -51.53
CA SER B 165 -17.93 10.96 -52.22
C SER B 165 -16.80 11.61 -53.02
N LYS B 166 -17.19 12.32 -54.07
CA LYS B 166 -16.23 13.05 -54.89
C LYS B 166 -15.66 14.23 -54.11
N GLU B 167 -14.35 14.44 -54.24
CA GLU B 167 -13.70 15.57 -53.57
C GLU B 167 -14.24 16.90 -54.10
N GLU B 168 -14.43 16.99 -55.42
CA GLU B 168 -15.02 18.21 -55.98
C GLU B 168 -16.45 18.40 -55.51
N LEU B 169 -17.22 17.31 -55.39
CA LEU B 169 -18.58 17.41 -54.89
C LEU B 169 -18.61 17.91 -53.45
N LEU B 170 -17.71 17.40 -52.61
CA LEU B 170 -17.64 17.86 -51.23
C LEU B 170 -17.20 19.32 -51.16
N LYS B 171 -16.25 19.72 -52.02
CA LYS B 171 -15.81 21.11 -52.04
C LYS B 171 -16.92 22.06 -52.47
N VAL B 172 -17.70 21.67 -53.48
CA VAL B 172 -18.81 22.52 -53.92
C VAL B 172 -19.99 22.46 -52.96
N ALA B 173 -20.09 21.40 -52.15
CA ALA B 173 -21.11 21.37 -51.10
C ALA B 173 -20.72 22.23 -49.91
N GLY B 174 -19.42 22.34 -49.63
CA GLY B 174 -18.93 23.18 -48.55
C GLY B 174 -19.21 24.65 -48.79
N SER B 175 -20.10 25.22 -47.98
CA SER B 175 -20.54 26.60 -48.09
C SER B 175 -19.97 27.45 -46.96
N PRO B 176 -19.85 28.76 -47.15
CA PRO B 176 -19.45 29.63 -46.03
C PRO B 176 -20.40 29.56 -44.84
N GLY B 177 -21.69 29.33 -45.08
CA GLY B 177 -22.61 29.12 -43.96
C GLY B 177 -22.25 27.90 -43.14
N TRP B 178 -21.96 26.78 -43.81
CA TRP B 178 -21.55 25.58 -43.09
C TRP B 178 -20.19 25.76 -42.44
N VAL B 179 -19.31 26.57 -43.03
CA VAL B 179 -18.05 26.92 -42.36
C VAL B 179 -18.33 27.69 -41.08
N ARG B 180 -19.34 28.57 -41.11
CA ARG B 180 -19.73 29.30 -39.90
C ARG B 180 -20.27 28.36 -38.84
N THR B 181 -21.09 27.37 -39.24
CA THR B 181 -21.55 26.38 -38.27
C THR B 181 -20.40 25.54 -37.72
N ARG B 182 -19.40 25.23 -38.55
CA ARG B 182 -18.23 24.51 -38.07
C ARG B 182 -17.46 25.34 -37.05
N TRP B 183 -17.30 26.65 -37.31
CA TRP B 183 -16.65 27.53 -36.34
C TRP B 183 -17.44 27.62 -35.05
N ALA B 184 -18.77 27.66 -35.16
CA ALA B 184 -19.62 27.66 -33.96
C ALA B 184 -19.47 26.37 -33.17
N LEU B 185 -19.44 25.23 -33.86
CA LEU B 185 -19.26 23.96 -33.17
C LEU B 185 -17.91 23.90 -32.47
N LEU B 186 -16.86 24.40 -33.13
CA LEU B 186 -15.54 24.46 -32.50
C LEU B 186 -15.54 25.37 -31.27
N LEU B 187 -16.22 26.52 -31.37
CA LEU B 187 -16.25 27.46 -30.26
C LEU B 187 -17.01 26.89 -29.06
N LEU B 188 -18.15 26.24 -29.30
CA LEU B 188 -18.85 25.60 -28.19
C LEU B 188 -18.10 24.38 -27.65
N PHE B 189 -17.33 23.68 -28.48
CA PHE B 189 -16.50 22.60 -27.98
C PHE B 189 -15.43 23.12 -27.02
N TRP B 190 -14.75 24.21 -27.42
CA TRP B 190 -13.75 24.80 -26.55
C TRP B 190 -14.39 25.43 -25.32
N LEU B 191 -15.62 25.94 -25.45
CA LEU B 191 -16.33 26.45 -24.29
C LEU B 191 -16.67 25.32 -23.32
N GLY B 192 -17.03 24.15 -23.83
CA GLY B 192 -17.27 23.01 -22.96
C GLY B 192 -16.00 22.55 -22.26
N TRP B 193 -14.87 22.57 -22.97
CA TRP B 193 -13.59 22.25 -22.34
C TRP B 193 -13.26 23.26 -21.24
N LEU B 194 -13.49 24.55 -21.51
CA LEU B 194 -13.26 25.58 -20.50
C LEU B 194 -14.20 25.40 -19.31
N GLY B 195 -15.45 25.02 -19.56
CA GLY B 195 -16.37 24.78 -18.47
C GLY B 195 -15.98 23.59 -17.62
N MET B 196 -15.44 22.54 -18.25
CA MET B 196 -14.91 21.41 -17.50
C MET B 196 -13.74 21.84 -16.63
N LEU B 197 -12.84 22.65 -17.18
CA LEU B 197 -11.71 23.15 -16.39
C LEU B 197 -12.19 24.01 -15.23
N ALA B 198 -13.19 24.87 -15.46
CA ALA B 198 -13.71 25.73 -14.40
C ALA B 198 -14.40 24.92 -13.32
N GLY B 199 -15.16 23.90 -13.71
CA GLY B 199 -15.79 23.03 -12.72
C GLY B 199 -14.78 22.27 -11.89
N ALA B 200 -13.71 21.77 -12.53
CA ALA B 200 -12.64 21.11 -11.78
C ALA B 200 -11.97 22.07 -10.81
N VAL B 201 -11.70 23.31 -11.25
CA VAL B 201 -11.08 24.30 -10.38
C VAL B 201 -11.98 24.61 -9.19
N VAL B 202 -13.28 24.78 -9.43
CA VAL B 202 -14.21 25.10 -8.35
C VAL B 202 -14.29 23.95 -7.35
N ILE B 203 -14.42 22.72 -7.85
CA ILE B 203 -14.57 21.58 -6.96
C ILE B 203 -13.26 21.21 -6.28
N ILE B 204 -12.11 21.67 -6.79
CA ILE B 204 -10.85 21.43 -6.10
C ILE B 204 -10.48 22.57 -5.15
N VAL B 205 -11.08 23.76 -5.33
CA VAL B 205 -10.83 24.84 -4.40
C VAL B 205 -11.88 24.93 -3.30
N ARG B 206 -13.03 24.28 -3.47
CA ARG B 206 -14.04 24.21 -2.42
C ARG B 206 -13.99 22.88 -1.66
N ALA B 207 -12.97 22.06 -1.92
CA ALA B 207 -12.88 20.76 -1.29
C ALA B 207 -12.54 20.89 0.19
N PRO B 208 -13.05 20.00 1.03
CA PRO B 208 -12.69 20.02 2.46
C PRO B 208 -11.24 19.59 2.65
N ARG B 209 -10.42 20.50 3.16
CA ARG B 209 -9.00 20.23 3.33
C ARG B 209 -8.79 19.41 4.59
N CYS B 210 -8.33 18.17 4.41
CA CYS B 210 -8.03 17.30 5.54
C CYS B 210 -6.79 17.80 6.28
N ARG B 211 -6.70 17.42 7.55
CA ARG B 211 -5.60 17.85 8.40
C ARG B 211 -4.32 17.08 8.05
N GLU B 212 -3.26 17.36 8.80
CA GLU B 212 -1.95 16.78 8.57
C GLU B 212 -1.58 15.81 9.67
N LEU B 213 -0.53 15.04 9.41
CA LEU B 213 0.00 14.12 10.41
C LEU B 213 0.64 14.92 11.56
N PRO B 214 0.54 14.42 12.79
CA PRO B 214 1.06 15.18 13.94
C PRO B 214 2.55 14.99 14.18
N ALA B 215 3.23 14.19 13.35
CA ALA B 215 4.66 13.93 13.45
C ALA B 215 5.05 13.40 14.83
N GLN B 216 4.41 12.29 15.20
CA GLN B 216 4.66 11.69 16.50
C GLN B 216 6.05 11.08 16.56
N LYS B 217 6.53 10.88 17.79
CA LYS B 217 7.86 10.34 18.02
C LYS B 217 7.82 8.82 17.87
N TRP B 218 8.92 8.15 18.24
CA TRP B 218 8.98 6.71 18.09
C TRP B 218 8.15 6.00 19.15
N TRP B 219 8.12 6.52 20.37
CA TRP B 219 7.42 5.83 21.45
C TRP B 219 5.92 5.99 21.37
N HIS B 220 5.42 7.00 20.65
CA HIS B 220 3.97 7.16 20.51
C HIS B 220 3.37 6.02 19.70
N THR B 221 4.15 5.38 18.85
CA THR B 221 3.69 4.25 18.07
C THR B 221 4.32 2.97 18.61
N GLY B 222 3.51 1.91 18.67
CA GLY B 222 3.92 0.67 19.28
C GLY B 222 3.76 0.68 20.79
N ALA B 223 3.71 -0.52 21.35
CA ALA B 223 3.59 -0.67 22.80
C ALA B 223 4.98 -0.58 23.43
N LEU B 224 5.07 -0.90 24.72
CA LEU B 224 6.33 -0.93 25.43
C LEU B 224 6.46 -2.23 26.20
N TYR B 225 7.71 -2.67 26.39
CA TYR B 225 8.01 -3.88 27.11
C TYR B 225 8.86 -3.53 28.33
N ARG B 226 8.48 -4.07 29.48
CA ARG B 226 9.17 -3.80 30.74
C ARG B 226 9.79 -5.09 31.24
N ILE B 227 11.11 -5.08 31.46
CA ILE B 227 11.85 -6.24 31.94
C ILE B 227 12.43 -5.89 33.31
N GLY B 228 12.03 -6.63 34.33
CA GLY B 228 12.50 -6.37 35.67
C GLY B 228 13.90 -6.89 35.95
N ASP B 229 14.07 -8.21 35.89
CA ASP B 229 15.35 -8.84 36.18
C ASP B 229 15.72 -9.76 35.02
N LEU B 230 16.93 -9.56 34.48
CA LEU B 230 17.37 -10.37 33.35
C LEU B 230 17.62 -11.82 33.76
N GLN B 231 18.10 -12.04 34.99
CA GLN B 231 18.28 -13.40 35.48
C GLN B 231 16.96 -14.15 35.54
N ALA B 232 15.91 -13.49 36.02
CA ALA B 232 14.59 -14.12 36.03
C ALA B 232 14.03 -14.25 34.63
N PHE B 233 14.36 -13.32 33.72
CA PHE B 233 13.85 -13.39 32.37
C PHE B 233 14.47 -14.56 31.60
N GLN B 234 15.74 -14.85 31.84
CA GLN B 234 16.41 -15.92 31.10
C GLN B 234 16.36 -17.26 31.84
N GLY B 235 16.92 -17.30 33.05
CA GLY B 235 17.00 -18.53 33.81
C GLY B 235 18.36 -18.74 34.43
N HIS B 236 18.48 -19.76 35.27
CA HIS B 236 19.77 -20.05 35.89
C HIS B 236 20.77 -20.55 34.86
N GLY B 237 22.00 -20.04 34.95
CA GLY B 237 23.05 -20.38 34.01
C GLY B 237 23.08 -19.51 32.77
N ALA B 238 21.92 -19.27 32.17
CA ALA B 238 21.79 -18.44 30.98
C ALA B 238 21.33 -17.03 31.30
N GLY B 239 21.31 -16.64 32.58
CA GLY B 239 20.82 -15.36 33.01
C GLY B 239 21.76 -14.19 32.83
N ASN B 240 22.89 -14.40 32.17
CA ASN B 240 23.83 -13.31 31.93
C ASN B 240 23.26 -12.33 30.92
N LEU B 241 23.79 -11.10 30.98
CA LEU B 241 23.31 -10.04 30.08
C LEU B 241 23.67 -10.32 28.63
N ALA B 242 24.78 -11.03 28.39
CA ALA B 242 25.26 -11.27 27.04
C ALA B 242 24.30 -12.12 26.22
N GLY B 243 23.41 -12.88 26.86
CA GLY B 243 22.45 -13.69 26.16
C GLY B 243 21.20 -12.96 25.70
N LEU B 244 21.12 -11.65 25.93
CA LEU B 244 19.92 -10.90 25.56
C LEU B 244 19.74 -10.83 24.05
N LYS B 245 20.84 -10.80 23.29
CA LYS B 245 20.77 -10.63 21.85
C LYS B 245 20.10 -11.81 21.15
N GLY B 246 20.10 -12.99 21.78
CA GLY B 246 19.45 -14.13 21.17
C GLY B 246 17.94 -14.08 21.19
N ARG B 247 17.36 -13.30 22.09
CA ARG B 247 15.91 -13.19 22.22
C ARG B 247 15.31 -12.03 21.45
N LEU B 248 16.15 -11.23 20.77
CA LEU B 248 15.62 -10.09 20.04
C LEU B 248 14.79 -10.50 18.84
N ASP B 249 15.06 -11.66 18.26
CA ASP B 249 14.23 -12.15 17.16
C ASP B 249 12.81 -12.45 17.63
N TYR B 250 12.68 -13.06 18.80
CA TYR B 250 11.35 -13.27 19.38
C TYR B 250 10.71 -11.95 19.79
N LEU B 251 11.52 -11.05 20.36
CA LEU B 251 10.97 -9.79 20.87
C LEU B 251 10.48 -8.89 19.73
N SER B 252 11.13 -8.97 18.57
CA SER B 252 10.64 -8.22 17.41
C SER B 252 9.40 -8.86 16.81
N SER B 253 9.18 -10.15 17.05
CA SER B 253 7.97 -10.82 16.57
C SER B 253 6.72 -10.36 17.31
N LEU B 254 6.88 -9.79 18.51
CA LEU B 254 5.77 -9.28 19.28
C LEU B 254 5.30 -7.90 18.81
N LYS B 255 6.00 -7.30 17.84
CA LYS B 255 5.68 -5.97 17.32
C LYS B 255 5.66 -4.92 18.42
N VAL B 256 6.59 -5.04 19.37
CA VAL B 256 6.76 -4.06 20.43
C VAL B 256 7.98 -3.21 20.09
N LYS B 257 7.82 -1.89 20.21
CA LYS B 257 8.84 -0.94 19.78
C LYS B 257 9.48 -0.22 20.97
N GLY B 258 9.77 -0.98 22.02
CA GLY B 258 10.46 -0.44 23.17
C GLY B 258 10.89 -1.56 24.08
N LEU B 259 11.79 -1.23 25.00
CA LEU B 259 12.31 -2.22 25.95
C LEU B 259 12.86 -1.45 27.14
N VAL B 260 12.66 -2.00 28.34
CA VAL B 260 13.10 -1.37 29.57
C VAL B 260 14.02 -2.32 30.30
N LEU B 261 15.25 -1.89 30.55
CA LEU B 261 16.21 -2.69 31.30
C LEU B 261 15.93 -2.63 32.79
N GLY B 262 16.61 -3.50 33.53
CA GLY B 262 16.54 -3.49 34.97
C GLY B 262 17.75 -2.80 35.56
N PRO B 263 17.74 -2.57 36.88
CA PRO B 263 18.87 -1.88 37.51
C PRO B 263 20.14 -2.72 37.50
N ILE B 264 21.12 -2.32 36.72
CA ILE B 264 22.33 -3.10 36.51
C ILE B 264 23.57 -2.37 37.04
N HIS B 265 23.38 -1.42 37.96
CA HIS B 265 24.51 -0.74 38.57
C HIS B 265 24.95 -1.50 39.82
N LYS B 266 25.88 -0.92 40.58
CA LYS B 266 26.42 -1.57 41.77
C LYS B 266 25.75 -0.98 43.01
N ASN B 267 25.06 -1.84 43.76
CA ASN B 267 24.43 -1.43 45.01
C ASN B 267 24.16 -2.69 45.82
N GLN B 268 24.83 -2.83 46.97
CA GLN B 268 24.65 -4.04 47.78
C GLN B 268 23.42 -3.95 48.66
N LYS B 269 23.45 -3.05 49.66
CA LYS B 269 22.29 -2.85 50.52
C LYS B 269 22.41 -1.47 51.19
N ASP B 270 21.71 -0.49 50.63
CA ASP B 270 21.51 0.83 51.26
C ASP B 270 22.83 1.50 51.66
N ASP B 271 23.86 1.28 50.84
CA ASP B 271 25.20 1.80 51.13
C ASP B 271 25.51 2.89 50.10
N VAL B 272 25.44 4.15 50.56
CA VAL B 272 25.67 5.29 49.66
C VAL B 272 27.12 5.34 49.21
N ALA B 273 28.06 5.11 50.13
CA ALA B 273 29.47 5.18 49.78
C ALA B 273 29.87 4.02 48.87
N GLN B 274 29.34 2.82 49.13
CA GLN B 274 29.69 1.66 48.33
C GLN B 274 29.11 1.76 46.92
N THR B 275 27.86 2.19 46.81
CA THR B 275 27.22 2.28 45.50
C THR B 275 27.80 3.43 44.70
N ASP B 276 27.75 3.29 43.37
CA ASP B 276 28.29 4.29 42.46
C ASP B 276 27.66 4.00 41.11
N LEU B 277 27.03 5.00 40.50
CA LEU B 277 26.20 4.80 39.32
C LEU B 277 27.00 4.85 38.02
N LEU B 278 28.31 5.04 38.07
CA LEU B 278 29.11 5.14 36.86
C LEU B 278 29.66 3.80 36.39
N GLN B 279 29.37 2.71 37.10
CA GLN B 279 29.92 1.41 36.77
C GLN B 279 28.82 0.35 36.71
N ILE B 280 29.04 -0.66 35.88
CA ILE B 280 28.13 -1.79 35.74
C ILE B 280 28.74 -2.99 36.46
N ASP B 281 27.93 -3.67 37.27
CA ASP B 281 28.43 -4.81 38.02
C ASP B 281 28.80 -5.95 37.08
N PRO B 282 29.84 -6.72 37.41
CA PRO B 282 30.25 -7.83 36.51
C PRO B 282 29.33 -9.03 36.58
N ASN B 283 28.35 -9.05 37.48
CA ASN B 283 27.45 -10.19 37.58
C ASN B 283 26.58 -10.32 36.32
N PHE B 284 26.14 -9.19 35.77
CA PHE B 284 25.30 -9.22 34.58
C PHE B 284 26.15 -9.27 33.30
N GLY B 285 27.01 -8.29 33.10
CA GLY B 285 27.84 -8.23 31.91
C GLY B 285 28.95 -7.22 32.02
N SER B 286 29.22 -6.50 30.92
CA SER B 286 30.26 -5.48 30.90
C SER B 286 29.91 -4.43 29.85
N LYS B 287 30.78 -3.43 29.74
CA LYS B 287 30.54 -2.33 28.81
C LYS B 287 30.53 -2.79 27.36
N GLU B 288 31.43 -3.72 27.01
CA GLU B 288 31.47 -4.23 25.65
C GLU B 288 30.19 -5.00 25.31
N ASP B 289 29.71 -5.82 26.26
CA ASP B 289 28.45 -6.53 26.04
C ASP B 289 27.29 -5.56 25.92
N PHE B 290 27.30 -4.50 26.72
CA PHE B 290 26.25 -3.48 26.60
C PHE B 290 26.29 -2.80 25.24
N ASP B 291 27.49 -2.44 24.77
CA ASP B 291 27.62 -1.79 23.47
C ASP B 291 27.16 -2.71 22.36
N SER B 292 27.49 -4.01 22.45
CA SER B 292 26.95 -4.97 21.49
C SER B 292 25.44 -5.07 21.58
N LEU B 293 24.88 -4.91 22.78
CA LEU B 293 23.42 -4.98 22.94
C LEU B 293 22.73 -3.82 22.23
N LEU B 294 23.23 -2.58 22.44
CA LEU B 294 22.67 -1.47 21.67
C LEU B 294 22.98 -1.58 20.18
N GLN B 295 24.10 -2.16 19.80
CA GLN B 295 24.39 -2.33 18.38
C GLN B 295 23.38 -3.28 17.73
N SER B 296 23.07 -4.39 18.40
CA SER B 296 22.06 -5.30 17.87
C SER B 296 20.66 -4.71 17.94
N ALA B 297 20.39 -3.89 18.97
CA ALA B 297 19.07 -3.29 19.11
C ALA B 297 18.81 -2.25 18.02
N LYS B 298 19.81 -1.41 17.73
CA LYS B 298 19.65 -0.42 16.67
C LYS B 298 19.83 -1.04 15.29
N LYS B 299 20.47 -2.22 15.21
CA LYS B 299 20.39 -3.01 13.98
C LYS B 299 18.97 -3.44 13.72
N LYS B 300 18.24 -3.83 14.76
CA LYS B 300 16.80 -4.00 14.70
C LYS B 300 16.13 -2.63 14.87
N SER B 301 14.83 -2.61 15.12
CA SER B 301 14.10 -1.37 15.34
C SER B 301 13.55 -1.31 16.77
N ILE B 302 14.38 -1.72 17.74
CA ILE B 302 13.98 -1.80 19.14
C ILE B 302 14.84 -0.82 19.93
N ARG B 303 14.24 0.22 20.46
CA ARG B 303 14.95 1.14 21.34
C ARG B 303 15.11 0.54 22.73
N VAL B 304 16.12 1.01 23.45
CA VAL B 304 16.47 0.49 24.77
C VAL B 304 16.37 1.60 25.79
N ILE B 305 15.65 1.35 26.88
CA ILE B 305 15.48 2.30 27.97
C ILE B 305 16.08 1.70 29.23
N LEU B 306 16.96 2.44 29.89
CA LEU B 306 17.62 2.00 31.10
C LEU B 306 17.08 2.76 32.30
N ASP B 307 16.86 2.06 33.41
CA ASP B 307 16.35 2.66 34.62
C ASP B 307 17.46 2.90 35.64
N LEU B 308 17.21 3.84 36.55
CA LEU B 308 18.12 4.13 37.66
C LEU B 308 17.33 4.18 38.94
N THR B 309 17.83 3.51 39.98
CA THR B 309 17.19 3.50 41.28
C THR B 309 18.30 3.28 42.30
N PRO B 310 18.39 4.10 43.34
CA PRO B 310 19.46 3.92 44.33
C PRO B 310 19.42 2.57 45.04
N ASN B 311 18.23 2.01 45.28
CA ASN B 311 18.09 0.72 45.94
C ASN B 311 17.09 -0.13 45.17
N TYR B 312 17.59 -1.18 44.52
CA TYR B 312 16.72 -2.20 43.96
C TYR B 312 16.76 -3.49 44.78
N ARG B 313 17.36 -3.44 45.98
CA ARG B 313 17.37 -4.56 46.90
C ARG B 313 16.65 -4.25 48.21
N GLY B 314 17.01 -3.15 48.88
CA GLY B 314 16.40 -2.81 50.14
C GLY B 314 15.02 -2.20 50.00
N GLU B 315 14.31 -2.14 51.12
CA GLU B 315 12.98 -1.56 51.16
C GLU B 315 13.00 -0.06 51.41
N ASN B 316 14.16 0.53 51.58
CA ASN B 316 14.34 1.99 51.51
C ASN B 316 14.81 2.28 50.10
N SER B 317 13.85 2.50 49.20
CA SER B 317 14.12 2.43 47.77
C SER B 317 14.96 3.61 47.28
N TRP B 318 14.83 4.77 47.89
CA TRP B 318 15.46 5.97 47.36
C TRP B 318 16.24 6.72 48.44
N PHE B 319 17.06 5.98 49.19
CA PHE B 319 18.22 6.52 49.90
C PHE B 319 17.83 7.66 50.85
N SER B 320 17.12 7.29 51.92
CA SER B 320 16.49 8.23 52.84
C SER B 320 17.45 9.17 53.57
N THR B 321 18.75 9.11 53.26
CA THR B 321 19.73 10.03 53.81
C THR B 321 19.63 11.38 53.09
N GLN B 322 20.63 12.24 53.29
CA GLN B 322 20.57 13.60 52.77
C GLN B 322 20.64 13.60 51.24
N VAL B 323 20.06 14.64 50.63
CA VAL B 323 19.52 14.51 49.28
C VAL B 323 20.50 14.92 48.18
N ASP B 324 21.38 15.91 48.41
CA ASP B 324 22.22 16.39 47.31
C ASP B 324 23.26 15.35 46.88
N THR B 325 23.76 14.54 47.82
CA THR B 325 24.76 13.54 47.46
C THR B 325 24.15 12.42 46.62
N VAL B 326 22.87 12.10 46.84
CA VAL B 326 22.19 11.12 46.00
C VAL B 326 21.66 11.76 44.72
N ALA B 327 21.72 13.08 44.62
CA ALA B 327 21.25 13.79 43.43
C ALA B 327 22.36 14.03 42.41
N THR B 328 23.55 14.40 42.87
CA THR B 328 24.62 14.76 41.93
C THR B 328 25.08 13.56 41.10
N LYS B 329 25.12 12.38 41.71
CA LYS B 329 25.60 11.19 41.00
C LYS B 329 24.65 10.79 39.88
N VAL B 330 23.35 10.73 40.18
CA VAL B 330 22.39 10.42 39.12
C VAL B 330 22.38 11.56 38.10
N LYS B 331 22.57 12.81 38.55
CA LYS B 331 22.56 13.96 37.65
C LYS B 331 23.66 13.84 36.60
N ASP B 332 24.87 13.44 37.00
CA ASP B 332 25.90 13.23 35.98
C ASP B 332 25.68 11.94 35.21
N ALA B 333 25.04 10.95 35.84
CA ALA B 333 24.74 9.69 35.18
C ALA B 333 23.79 9.88 34.01
N LEU B 334 22.91 10.89 34.07
CA LEU B 334 22.07 11.19 32.91
C LEU B 334 22.90 11.41 31.66
N GLU B 335 23.76 12.43 31.66
CA GLU B 335 24.56 12.71 30.47
C GLU B 335 25.56 11.60 30.17
N PHE B 336 26.01 10.88 31.21
CA PHE B 336 26.90 9.74 30.97
C PHE B 336 26.20 8.67 30.13
N TRP B 337 24.95 8.35 30.47
CA TRP B 337 24.24 7.32 29.71
C TRP B 337 23.71 7.85 28.37
N LEU B 338 23.42 9.15 28.27
CA LEU B 338 23.11 9.73 26.96
C LEU B 338 24.30 9.63 26.02
N GLN B 339 25.51 9.95 26.50
CA GLN B 339 26.68 9.79 25.67
C GLN B 339 27.05 8.32 25.47
N ALA B 340 26.55 7.43 26.34
CA ALA B 340 26.71 6.00 26.10
C ALA B 340 25.92 5.56 24.88
N GLY B 341 24.69 6.03 24.74
CA GLY B 341 23.89 5.70 23.58
C GLY B 341 22.44 5.34 23.85
N VAL B 342 22.10 5.09 25.12
CA VAL B 342 20.73 4.72 25.45
C VAL B 342 19.82 5.94 25.38
N ASP B 343 18.53 5.68 25.19
CA ASP B 343 17.53 6.73 25.09
C ASP B 343 16.42 6.47 26.08
N GLY B 344 16.04 7.51 26.82
CA GLY B 344 14.96 7.40 27.79
C GLY B 344 15.41 6.77 29.09
N PHE B 345 14.61 7.00 30.13
CA PHE B 345 14.89 6.45 31.44
C PHE B 345 13.58 6.10 32.13
N GLN B 346 13.65 5.13 33.04
CA GLN B 346 12.53 4.76 33.89
C GLN B 346 12.87 5.11 35.33
N VAL B 347 11.98 5.85 35.98
CA VAL B 347 12.15 6.24 37.38
C VAL B 347 10.97 5.67 38.16
N ARG B 348 11.28 4.89 39.19
CA ARG B 348 10.27 4.23 39.99
C ARG B 348 10.30 4.78 41.41
N ASP B 349 9.20 4.52 42.14
CA ASP B 349 9.03 4.96 43.53
C ASP B 349 9.17 6.47 43.66
N ILE B 350 8.27 7.18 43.00
CA ILE B 350 8.26 8.64 43.03
C ILE B 350 7.89 9.14 44.43
N GLU B 351 6.96 8.44 45.10
CA GLU B 351 6.46 8.88 46.40
C GLU B 351 7.54 8.91 47.47
N ASN B 352 8.65 8.21 47.26
CA ASN B 352 9.77 8.23 48.21
C ASN B 352 10.80 9.30 47.79
N LEU B 353 10.33 10.55 47.74
CA LEU B 353 11.17 11.65 47.30
C LEU B 353 10.68 12.94 47.93
N LYS B 354 11.59 13.92 47.97
CA LYS B 354 11.29 15.27 48.42
C LYS B 354 11.59 16.25 47.30
N ASP B 355 10.69 17.22 47.10
CA ASP B 355 10.76 18.18 46.00
C ASP B 355 10.79 17.44 44.66
N ALA B 356 9.99 16.37 44.58
CA ALA B 356 10.03 15.46 43.43
C ALA B 356 9.55 16.13 42.16
N SER B 357 8.59 17.05 42.26
CA SER B 357 8.10 17.74 41.08
C SER B 357 9.20 18.55 40.42
N SER B 358 9.95 19.32 41.22
CA SER B 358 11.03 20.12 40.66
C SER B 358 12.18 19.24 40.19
N PHE B 359 12.47 18.14 40.92
CA PHE B 359 13.52 17.24 40.47
C PHE B 359 13.19 16.61 39.13
N LEU B 360 11.94 16.17 38.97
CA LEU B 360 11.50 15.58 37.70
C LEU B 360 11.48 16.62 36.60
N ALA B 361 11.12 17.87 36.94
CA ALA B 361 11.16 18.95 35.96
C ALA B 361 12.58 19.20 35.48
N GLU B 362 13.54 19.19 36.40
CA GLU B 362 14.94 19.39 36.04
C GLU B 362 15.45 18.25 35.16
N TRP B 363 15.08 17.01 35.50
CA TRP B 363 15.51 15.86 34.70
C TRP B 363 14.91 15.91 33.29
N GLN B 364 13.63 16.25 33.20
CA GLN B 364 12.98 16.37 31.89
C GLN B 364 13.59 17.52 31.09
N ASN B 365 13.91 18.63 31.75
CA ASN B 365 14.56 19.75 31.08
C ASN B 365 15.92 19.36 30.53
N ILE B 366 16.69 18.59 31.31
CA ILE B 366 18.01 18.14 30.85
C ILE B 366 17.87 17.22 29.63
N THR B 367 16.93 16.27 29.71
CA THR B 367 16.75 15.33 28.60
C THR B 367 16.27 16.05 27.34
N LYS B 368 15.34 17.00 27.49
CA LYS B 368 14.85 17.74 26.34
C LYS B 368 15.91 18.68 25.77
N GLY B 369 16.76 19.25 26.63
CA GLY B 369 17.87 20.04 26.13
C GLY B 369 18.88 19.20 25.38
N PHE B 370 19.06 17.94 25.77
CA PHE B 370 19.92 17.06 25.00
C PHE B 370 19.29 16.75 23.63
N SER B 371 18.10 16.18 23.63
CA SER B 371 17.48 15.78 22.36
C SER B 371 15.96 15.79 22.52
N GLU B 372 15.27 15.35 21.47
CA GLU B 372 13.82 15.35 21.42
C GLU B 372 13.20 13.96 21.32
N ASP B 373 13.93 12.99 20.78
CA ASP B 373 13.40 11.63 20.67
C ASP B 373 13.47 10.86 21.99
N ARG B 374 14.19 11.38 22.98
CA ARG B 374 14.29 10.72 24.27
C ARG B 374 13.02 11.00 25.08
N LEU B 375 12.88 10.26 26.18
CA LEU B 375 11.73 10.43 27.06
C LEU B 375 12.17 10.20 28.50
N LEU B 376 11.21 10.14 29.41
CA LEU B 376 11.50 9.91 30.82
C LEU B 376 10.26 9.28 31.45
N ILE B 377 10.33 8.00 31.77
CA ILE B 377 9.22 7.27 32.37
C ILE B 377 9.30 7.41 33.88
N ALA B 378 8.23 7.90 34.49
CA ALA B 378 8.15 8.08 35.93
C ALA B 378 7.08 7.16 36.49
N GLY B 379 7.40 6.46 37.58
CA GLY B 379 6.47 5.53 38.17
C GLY B 379 6.15 5.82 39.63
N THR B 380 4.87 5.89 39.95
CA THR B 380 4.40 6.06 41.32
C THR B 380 3.24 5.11 41.56
N ASN B 381 3.08 4.71 42.83
CA ASN B 381 2.01 3.80 43.21
C ASN B 381 0.77 4.53 43.72
N SER B 382 0.75 5.86 43.63
CA SER B 382 -0.44 6.61 44.02
C SER B 382 -1.58 6.36 43.03
N SER B 383 -2.81 6.38 43.53
CA SER B 383 -4.00 6.11 42.74
C SER B 383 -5.03 7.22 42.92
N ASP B 384 -4.57 8.45 43.09
CA ASP B 384 -5.45 9.59 43.28
C ASP B 384 -5.32 10.54 42.11
N LEU B 385 -6.46 11.00 41.59
CA LEU B 385 -6.46 11.94 40.47
C LEU B 385 -5.80 13.25 40.86
N GLN B 386 -6.10 13.74 42.07
CA GLN B 386 -5.50 14.99 42.54
C GLN B 386 -3.99 14.87 42.69
N GLN B 387 -3.52 13.74 43.24
CA GLN B 387 -2.08 13.52 43.38
C GLN B 387 -1.41 13.41 42.02
N ILE B 388 -2.06 12.74 41.07
CA ILE B 388 -1.50 12.61 39.73
C ILE B 388 -1.42 13.99 39.06
N LEU B 389 -2.48 14.79 39.18
CA LEU B 389 -2.46 16.12 38.58
C LEU B 389 -1.42 17.02 39.25
N SER B 390 -1.22 16.87 40.56
CA SER B 390 -0.18 17.61 41.24
C SER B 390 1.20 17.19 40.76
N LEU B 391 1.39 15.90 40.49
CA LEU B 391 2.66 15.43 39.94
C LEU B 391 2.89 15.93 38.52
N LEU B 392 1.82 16.07 37.74
CA LEU B 392 1.90 16.59 36.37
C LEU B 392 1.52 18.07 36.31
N GLU B 393 1.87 18.84 37.33
CA GLU B 393 1.43 20.24 37.38
C GLU B 393 2.18 21.11 36.37
N SER B 394 3.40 20.74 36.01
CA SER B 394 4.16 21.51 35.04
C SER B 394 4.72 20.66 33.90
N ASN B 395 5.15 19.44 34.20
CA ASN B 395 5.74 18.56 33.18
C ASN B 395 4.61 17.85 32.44
N LYS B 396 4.03 18.58 31.49
CA LYS B 396 2.90 18.04 30.73
C LYS B 396 3.35 16.98 29.73
N ASP B 397 4.57 17.10 29.21
CA ASP B 397 5.06 16.14 28.22
C ASP B 397 5.58 14.86 28.83
N LEU B 398 5.67 14.78 30.16
CA LEU B 398 6.26 13.60 30.80
C LEU B 398 5.31 12.41 30.71
N LEU B 399 5.88 11.25 30.41
CA LEU B 399 5.14 10.00 30.36
C LEU B 399 5.23 9.32 31.72
N LEU B 400 4.07 9.01 32.31
CA LEU B 400 4.01 8.46 33.65
C LEU B 400 3.08 7.26 33.68
N THR B 401 3.53 6.20 34.37
CA THR B 401 2.72 5.02 34.63
C THR B 401 2.45 4.94 36.13
N SER B 402 1.18 4.82 36.50
CA SER B 402 0.78 4.82 37.90
C SER B 402 -0.18 3.67 38.16
N SER B 403 -0.67 3.61 39.39
CA SER B 403 -1.62 2.59 39.83
C SER B 403 -3.06 3.04 39.72
N TYR B 404 -3.37 3.88 38.72
CA TYR B 404 -4.70 4.46 38.59
C TYR B 404 -5.76 3.41 38.31
N LEU B 405 -5.46 2.46 37.44
CA LEU B 405 -6.44 1.45 37.04
C LEU B 405 -6.43 0.21 37.91
N SER B 406 -5.61 0.19 38.96
CA SER B 406 -5.47 -1.00 39.82
C SER B 406 -6.60 -1.12 40.84
N ASP B 407 -7.64 -0.29 40.75
CA ASP B 407 -8.80 -0.44 41.60
C ASP B 407 -9.53 -1.73 41.24
N SER B 408 -10.33 -2.23 42.20
CA SER B 408 -11.07 -3.47 41.99
C SER B 408 -12.02 -3.35 40.81
N GLY B 409 -12.85 -2.32 40.80
CA GLY B 409 -13.69 -2.01 39.65
C GLY B 409 -14.64 -3.12 39.25
N SER B 410 -14.30 -3.79 38.16
CA SER B 410 -15.02 -4.96 37.65
C SER B 410 -16.44 -4.62 37.21
N THR B 411 -16.67 -3.38 36.78
CA THR B 411 -17.92 -3.02 36.13
C THR B 411 -17.69 -1.86 35.16
N GLY B 412 -18.39 -1.93 34.03
CA GLY B 412 -18.13 -1.03 32.92
C GLY B 412 -18.45 0.42 33.21
N GLU B 413 -19.50 0.67 34.00
CA GLU B 413 -19.85 2.05 34.36
C GLU B 413 -18.73 2.69 35.18
N HIS B 414 -18.18 1.96 36.15
CA HIS B 414 -17.09 2.47 36.95
C HIS B 414 -15.82 2.65 36.12
N THR B 415 -15.57 1.73 35.19
CA THR B 415 -14.40 1.88 34.32
C THR B 415 -14.55 3.10 33.40
N LYS B 416 -15.74 3.29 32.82
CA LYS B 416 -16.06 4.52 32.08
C LYS B 416 -15.79 5.76 32.92
N SER B 417 -16.30 5.76 34.16
CA SER B 417 -16.15 6.94 35.01
C SER B 417 -14.69 7.25 35.28
N LEU B 418 -13.90 6.22 35.60
CA LEU B 418 -12.49 6.44 35.92
C LEU B 418 -11.70 6.92 34.69
N VAL B 419 -11.88 6.24 33.55
CA VAL B 419 -11.12 6.61 32.35
C VAL B 419 -11.51 7.99 31.87
N THR B 420 -12.81 8.30 31.85
CA THR B 420 -13.26 9.62 31.41
C THR B 420 -12.82 10.71 32.37
N GLN B 421 -12.84 10.44 33.67
CA GLN B 421 -12.39 11.43 34.65
C GLN B 421 -10.91 11.72 34.48
N TYR B 422 -10.08 10.69 34.30
CA TYR B 422 -8.65 10.90 34.10
C TYR B 422 -8.38 11.66 32.80
N LEU B 423 -9.06 11.27 31.72
CA LEU B 423 -8.84 11.94 30.44
C LEU B 423 -9.30 13.39 30.50
N ASN B 424 -10.42 13.66 31.15
CA ASN B 424 -10.91 15.04 31.25
C ASN B 424 -10.01 15.88 32.14
N ALA B 425 -9.49 15.30 33.22
CA ALA B 425 -8.58 16.04 34.09
C ALA B 425 -7.28 16.36 33.39
N THR B 426 -6.76 15.43 32.60
CA THR B 426 -5.54 15.70 31.83
C THR B 426 -5.81 16.73 30.72
N GLY B 427 -6.92 16.58 30.02
CA GLY B 427 -7.20 17.37 28.84
C GLY B 427 -7.37 16.47 27.63
N ASN B 428 -6.46 16.57 26.68
CA ASN B 428 -6.39 15.60 25.58
C ASN B 428 -4.95 15.16 25.32
N ARG B 429 -4.07 15.33 26.29
CA ARG B 429 -2.65 15.10 26.09
C ARG B 429 -2.34 13.61 26.13
N TRP B 430 -1.10 13.28 25.77
CA TRP B 430 -0.64 11.90 25.75
C TRP B 430 -0.41 11.38 27.16
N CYS B 431 -0.68 10.09 27.35
CA CYS B 431 -0.50 9.45 28.65
C CYS B 431 -0.11 8.00 28.42
N SER B 432 0.04 7.26 29.51
CA SER B 432 0.39 5.85 29.46
C SER B 432 -0.67 5.04 30.19
N TRP B 433 -1.05 3.91 29.60
CA TRP B 433 -2.10 3.06 30.14
C TRP B 433 -1.48 1.74 30.61
N SER B 434 -1.19 1.66 31.91
CA SER B 434 -0.74 0.44 32.53
C SER B 434 -1.52 0.22 33.82
N LEU B 435 -1.83 -1.03 34.12
CA LEU B 435 -2.61 -1.32 35.31
C LEU B 435 -1.77 -1.22 36.58
N SER B 436 -0.48 -1.54 36.51
CA SER B 436 0.35 -1.62 37.69
C SER B 436 1.64 -0.85 37.49
N GLN B 437 2.36 -0.67 38.60
CA GLN B 437 3.67 -0.03 38.56
C GLN B 437 4.66 -0.84 37.74
N ALA B 438 4.98 -2.04 38.21
CA ALA B 438 5.89 -2.92 37.48
C ALA B 438 5.46 -4.38 37.53
N ARG B 439 4.31 -4.70 38.13
CA ARG B 439 3.87 -6.08 38.27
C ARG B 439 3.14 -6.52 37.00
N LEU B 440 2.73 -7.78 36.99
CA LEU B 440 2.04 -8.36 35.85
C LEU B 440 0.54 -8.14 35.95
N LEU B 441 -0.14 -8.23 34.80
CA LEU B 441 -1.59 -8.11 34.78
C LEU B 441 -2.26 -9.30 35.46
N THR B 442 -1.61 -10.46 35.43
CA THR B 442 -2.25 -11.67 35.92
C THR B 442 -2.42 -11.64 37.44
N SER B 443 -1.37 -11.27 38.16
CA SER B 443 -1.38 -11.38 39.61
C SER B 443 -2.23 -10.30 40.29
N PHE B 444 -2.60 -9.24 39.58
CA PHE B 444 -3.45 -8.19 40.13
C PHE B 444 -4.86 -8.20 39.56
N LEU B 445 -5.26 -9.27 38.90
CA LEU B 445 -6.57 -9.32 38.25
C LEU B 445 -7.07 -10.75 38.27
N PRO B 446 -8.38 -10.95 38.20
CA PRO B 446 -8.90 -12.31 38.01
C PRO B 446 -8.46 -12.88 36.65
N ALA B 447 -8.32 -14.21 36.60
CA ALA B 447 -7.74 -14.89 35.46
C ALA B 447 -8.70 -15.02 34.28
N GLN B 448 -9.94 -14.56 34.42
CA GLN B 448 -10.93 -14.66 33.35
C GLN B 448 -11.15 -13.33 32.63
N LEU B 449 -10.31 -12.33 32.87
CA LEU B 449 -10.54 -11.00 32.33
C LEU B 449 -9.43 -10.50 31.41
N LEU B 450 -8.30 -11.20 31.33
CA LEU B 450 -7.18 -10.67 30.54
C LEU B 450 -7.49 -10.67 29.05
N ARG B 451 -8.34 -11.59 28.58
CA ARG B 451 -8.65 -11.66 27.15
C ARG B 451 -9.33 -10.39 26.66
N LEU B 452 -10.01 -9.67 27.56
CA LEU B 452 -10.57 -8.36 27.22
C LEU B 452 -9.72 -7.21 27.72
N TYR B 453 -8.96 -7.41 28.79
CA TYR B 453 -8.10 -6.35 29.30
C TYR B 453 -6.95 -6.06 28.34
N GLN B 454 -6.47 -7.06 27.60
CA GLN B 454 -5.44 -6.82 26.59
C GLN B 454 -5.96 -5.88 25.51
N LEU B 455 -7.19 -6.11 25.04
CA LEU B 455 -7.78 -5.24 24.03
C LEU B 455 -8.08 -3.86 24.60
N MET B 456 -8.49 -3.79 25.87
CA MET B 456 -8.74 -2.49 26.49
C MET B 456 -7.46 -1.67 26.60
N LEU B 457 -6.37 -2.30 27.06
CA LEU B 457 -5.12 -1.57 27.22
C LEU B 457 -4.45 -1.28 25.88
N PHE B 458 -4.70 -2.09 24.87
CA PHE B 458 -3.99 -1.99 23.61
C PHE B 458 -4.68 -1.05 22.63
N THR B 459 -5.78 -0.41 23.03
CA THR B 459 -6.55 0.45 22.13
C THR B 459 -6.72 1.86 22.65
N LEU B 460 -6.63 2.09 23.96
CA LEU B 460 -6.78 3.42 24.53
C LEU B 460 -5.67 4.33 24.00
N PRO B 461 -5.97 5.62 23.80
CA PRO B 461 -4.96 6.55 23.25
C PRO B 461 -3.79 6.72 24.22
N GLY B 462 -2.62 6.32 23.77
CA GLY B 462 -1.40 6.42 24.56
C GLY B 462 -0.51 5.24 24.28
N THR B 463 0.52 5.09 25.12
CA THR B 463 1.46 3.99 24.98
C THR B 463 1.18 2.95 26.05
N PRO B 464 0.62 1.79 25.72
CA PRO B 464 0.43 0.75 26.73
C PRO B 464 1.76 0.15 27.15
N VAL B 465 1.95 0.01 28.45
CA VAL B 465 3.20 -0.51 29.02
C VAL B 465 2.88 -1.85 29.68
N PHE B 466 3.58 -2.90 29.24
CA PHE B 466 3.34 -4.25 29.73
C PHE B 466 4.60 -4.78 30.40
N SER B 467 4.40 -5.51 31.49
CA SER B 467 5.51 -6.20 32.13
C SER B 467 5.91 -7.42 31.32
N TYR B 468 7.10 -7.93 31.58
CA TYR B 468 7.58 -9.11 30.88
C TYR B 468 6.79 -10.34 31.32
N GLY B 469 6.67 -11.30 30.41
CA GLY B 469 5.88 -12.48 30.68
C GLY B 469 4.40 -12.20 30.85
N ASP B 470 3.86 -11.23 30.11
CA ASP B 470 2.45 -10.90 30.19
C ASP B 470 1.68 -11.37 28.96
N GLU B 471 2.35 -11.55 27.83
CA GLU B 471 1.69 -12.01 26.61
C GLU B 471 1.17 -13.44 26.71
N ILE B 472 1.56 -14.19 27.74
CA ILE B 472 1.02 -15.52 27.97
C ILE B 472 0.21 -15.61 29.25
N GLY B 473 0.08 -14.51 29.98
CA GLY B 473 -0.64 -14.54 31.25
C GLY B 473 0.05 -15.36 32.32
N LEU B 474 1.36 -15.21 32.45
CA LEU B 474 2.11 -15.98 33.44
C LEU B 474 1.71 -15.57 34.85
N ASP B 475 1.59 -16.56 35.73
CA ASP B 475 1.17 -16.34 37.11
C ASP B 475 2.30 -16.68 38.08
N ALA B 476 2.35 -15.92 39.17
CA ALA B 476 3.29 -16.19 40.25
C ALA B 476 2.64 -16.88 41.43
N ALA B 477 1.37 -16.57 41.72
CA ALA B 477 0.68 -17.20 42.84
C ALA B 477 0.28 -18.63 42.55
N ALA B 478 0.05 -18.97 41.28
CA ALA B 478 -0.36 -20.33 40.93
C ALA B 478 0.76 -21.33 41.19
N LEU B 479 2.00 -20.98 40.83
CA LEU B 479 3.13 -21.88 41.01
C LEU B 479 3.69 -21.73 42.41
N PRO B 480 3.76 -22.79 43.20
CA PRO B 480 4.31 -22.67 44.56
C PRO B 480 5.82 -22.42 44.53
N GLY B 481 6.30 -21.83 45.62
CA GLY B 481 7.71 -21.50 45.73
C GLY B 481 8.18 -20.47 44.72
N GLN B 482 7.38 -19.44 44.49
CA GLN B 482 7.64 -18.44 43.46
C GLN B 482 7.58 -17.07 44.08
N PRO B 483 8.70 -16.39 44.29
CA PRO B 483 8.65 -15.01 44.81
C PRO B 483 7.91 -14.09 43.86
N MET B 484 7.03 -13.26 44.43
CA MET B 484 6.14 -12.44 43.61
C MET B 484 6.86 -11.26 42.97
N GLU B 485 8.03 -10.89 43.47
CA GLU B 485 8.75 -9.74 42.91
C GLU B 485 9.35 -10.08 41.55
N ALA B 486 9.99 -11.23 41.43
CA ALA B 486 10.70 -11.62 40.22
C ALA B 486 10.25 -13.01 39.76
N PRO B 487 9.14 -13.09 39.03
CA PRO B 487 8.75 -14.38 38.45
C PRO B 487 9.70 -14.79 37.34
N VAL B 488 9.80 -16.11 37.14
CA VAL B 488 10.72 -16.64 36.15
C VAL B 488 9.97 -16.82 34.83
N MET B 489 10.53 -16.25 33.76
CA MET B 489 9.97 -16.43 32.42
C MET B 489 10.18 -17.88 31.97
N LEU B 490 9.18 -18.43 31.29
CA LEU B 490 9.21 -19.81 30.83
C LEU B 490 9.08 -19.85 29.31
N TRP B 491 9.88 -20.71 28.69
CA TRP B 491 9.88 -20.87 27.24
C TRP B 491 9.55 -22.27 26.77
N ASP B 492 9.86 -23.29 27.57
CA ASP B 492 9.52 -24.67 27.23
C ASP B 492 9.25 -25.42 28.53
N GLU B 493 9.15 -26.74 28.43
CA GLU B 493 8.91 -27.57 29.62
C GLU B 493 10.13 -27.73 30.50
N SER B 494 11.31 -27.33 30.03
CA SER B 494 12.54 -27.44 30.80
C SER B 494 12.89 -26.15 31.54
N SER B 495 12.01 -25.14 31.49
CA SER B 495 12.30 -23.87 32.15
C SER B 495 12.16 -23.95 33.66
N PHE B 496 11.48 -24.97 34.17
CA PHE B 496 11.24 -25.13 35.61
C PHE B 496 11.71 -26.51 36.04
N PRO B 497 13.02 -26.69 36.25
CA PRO B 497 13.53 -28.02 36.63
C PRO B 497 13.27 -28.40 38.08
N ASP B 498 12.85 -27.46 38.93
CA ASP B 498 12.63 -27.77 40.33
C ASP B 498 11.39 -28.65 40.51
N ILE B 499 10.30 -28.31 39.85
CA ILE B 499 9.07 -29.09 39.95
C ILE B 499 8.66 -29.52 38.54
N PRO B 500 9.16 -30.65 38.05
CA PRO B 500 8.75 -31.13 36.72
C PRO B 500 7.30 -31.57 36.71
N GLY B 501 6.66 -31.40 35.56
CA GLY B 501 5.28 -31.79 35.38
C GLY B 501 4.26 -30.73 35.72
N ALA B 502 4.66 -29.69 36.48
CA ALA B 502 3.73 -28.62 36.78
C ALA B 502 3.40 -27.79 35.54
N VAL B 503 4.40 -27.56 34.69
CA VAL B 503 4.21 -26.79 33.46
C VAL B 503 3.47 -27.66 32.44
N SER B 504 2.95 -27.03 31.40
CA SER B 504 2.19 -27.75 30.38
C SER B 504 2.41 -27.03 29.04
N ALA B 505 1.57 -27.32 28.07
CA ALA B 505 1.70 -26.77 26.72
C ALA B 505 0.68 -25.70 26.40
N ASN B 506 -0.19 -25.34 27.33
CA ASN B 506 -1.19 -24.30 27.10
C ASN B 506 -0.78 -22.95 27.69
N MET B 507 0.45 -22.82 28.19
CA MET B 507 0.98 -21.53 28.61
C MET B 507 2.38 -21.25 28.12
N THR B 508 3.10 -22.25 27.60
CA THR B 508 4.43 -22.00 27.07
C THR B 508 4.35 -21.25 25.75
N VAL B 509 5.49 -20.65 25.36
CA VAL B 509 5.52 -19.76 24.21
C VAL B 509 5.24 -20.52 22.92
N LYS B 510 5.90 -21.67 22.74
CA LYS B 510 5.70 -22.45 21.53
C LYS B 510 4.28 -23.00 21.45
N GLY B 511 3.73 -23.41 22.59
CA GLY B 511 2.36 -23.91 22.59
C GLY B 511 1.34 -22.82 22.28
N GLN B 512 1.51 -21.63 22.85
CA GLN B 512 0.56 -20.56 22.61
C GLN B 512 0.71 -19.96 21.22
N SER B 513 1.92 -20.05 20.64
CA SER B 513 2.14 -19.48 19.31
C SER B 513 1.35 -20.21 18.24
N GLU B 514 1.28 -21.55 18.34
CA GLU B 514 0.55 -22.33 17.35
C GLU B 514 -0.95 -22.10 17.45
N ASP B 515 -1.47 -22.02 18.68
CA ASP B 515 -2.91 -21.89 18.87
C ASP B 515 -3.37 -20.48 18.53
N PRO B 516 -4.34 -20.30 17.63
CA PRO B 516 -4.85 -18.96 17.35
C PRO B 516 -5.80 -18.42 18.40
N GLY B 517 -6.24 -19.25 19.34
CA GLY B 517 -7.13 -18.81 20.40
C GLY B 517 -6.41 -18.60 21.71
N SER B 518 -5.12 -18.30 21.64
CA SER B 518 -4.27 -18.13 22.82
C SER B 518 -4.02 -16.66 23.09
N LEU B 519 -3.45 -16.40 24.28
CA LEU B 519 -3.11 -15.03 24.65
C LEU B 519 -2.01 -14.46 23.76
N LEU B 520 -1.01 -15.27 23.42
CA LEU B 520 0.07 -14.81 22.54
C LEU B 520 -0.46 -14.47 21.16
N SER B 521 -1.39 -15.27 20.65
CA SER B 521 -1.99 -14.98 19.35
C SER B 521 -2.76 -13.66 19.38
N LEU B 522 -3.50 -13.40 20.45
CA LEU B 522 -4.22 -12.14 20.59
C LEU B 522 -3.24 -10.97 20.68
N PHE B 523 -2.17 -11.13 21.45
CA PHE B 523 -1.16 -10.08 21.55
C PHE B 523 -0.56 -9.77 20.20
N ARG B 524 -0.21 -10.80 19.43
CA ARG B 524 0.34 -10.58 18.10
C ARG B 524 -0.68 -9.93 17.17
N ARG B 525 -1.95 -10.30 17.31
CA ARG B 525 -2.99 -9.77 16.41
C ARG B 525 -3.21 -8.28 16.64
N LEU B 526 -3.40 -7.86 17.90
CA LEU B 526 -3.55 -6.42 18.13
C LEU B 526 -2.22 -5.66 18.07
N SER B 527 -1.08 -6.32 18.21
CA SER B 527 0.18 -5.60 18.03
C SER B 527 0.48 -5.34 16.57
N ASP B 528 0.05 -6.25 15.68
CA ASP B 528 0.14 -6.00 14.25
C ASP B 528 -0.78 -4.87 13.82
N GLN B 529 -1.83 -4.59 14.60
CA GLN B 529 -2.76 -3.52 14.27
C GLN B 529 -2.39 -2.18 14.90
N ARG B 530 -1.61 -2.19 15.98
CA ARG B 530 -1.25 -0.94 16.63
C ARG B 530 -0.21 -0.16 15.82
N SER B 531 0.80 -0.86 15.30
CA SER B 531 1.89 -0.18 14.62
C SER B 531 1.49 0.33 13.24
N LYS B 532 0.76 -0.48 12.47
CA LYS B 532 0.54 -0.20 11.06
C LYS B 532 -0.71 0.63 10.77
N GLU B 533 -1.55 0.90 11.76
CA GLU B 533 -2.80 1.61 11.52
C GLU B 533 -2.75 2.98 12.19
N ARG B 534 -3.38 3.96 11.54
CA ARG B 534 -3.28 5.36 11.93
C ARG B 534 -4.38 5.79 12.91
N SER B 535 -5.60 5.27 12.73
CA SER B 535 -6.74 5.76 13.48
C SER B 535 -6.59 5.50 14.97
N LEU B 536 -6.34 4.25 15.35
CA LEU B 536 -6.09 3.98 16.75
C LEU B 536 -4.71 4.45 17.21
N LEU B 537 -3.85 4.84 16.27
CA LEU B 537 -2.55 5.39 16.64
C LEU B 537 -2.69 6.80 17.21
N HIS B 538 -3.20 7.72 16.42
CA HIS B 538 -3.32 9.11 16.89
C HIS B 538 -4.67 9.70 16.49
N GLY B 539 -5.75 8.97 16.79
CA GLY B 539 -7.10 9.45 16.53
C GLY B 539 -7.73 10.07 17.76
N ASP B 540 -9.06 10.16 17.72
CA ASP B 540 -9.84 10.75 18.80
C ASP B 540 -10.39 9.65 19.71
N PHE B 541 -11.19 10.07 20.70
CA PHE B 541 -11.76 9.14 21.67
C PHE B 541 -13.01 9.78 22.26
N HIS B 542 -14.18 9.26 21.91
CA HIS B 542 -15.43 9.64 22.55
C HIS B 542 -16.23 8.39 22.86
N ALA B 543 -17.01 8.47 23.95
CA ALA B 543 -17.76 7.33 24.44
C ALA B 543 -19.25 7.58 24.32
N PHE B 544 -20.02 6.50 24.46
CA PHE B 544 -21.47 6.56 24.43
C PHE B 544 -22.02 6.42 25.84
N SER B 545 -22.99 7.25 26.18
CA SER B 545 -23.63 7.21 27.49
C SER B 545 -24.56 5.99 27.53
N ALA B 546 -23.97 4.84 27.81
CA ALA B 546 -24.69 3.57 27.81
C ALA B 546 -25.45 3.40 29.13
N GLY B 547 -25.98 2.20 29.35
CA GLY B 547 -26.78 1.91 30.52
C GLY B 547 -25.99 1.16 31.57
N PRO B 548 -26.14 -0.17 31.59
CA PRO B 548 -25.42 -0.99 32.57
C PRO B 548 -23.91 -1.02 32.34
N GLY B 549 -23.20 -1.85 33.10
CA GLY B 549 -21.75 -1.83 33.11
C GLY B 549 -21.12 -2.35 31.84
N LEU B 550 -21.27 -1.58 30.75
CA LEU B 550 -20.72 -1.93 29.45
C LEU B 550 -19.76 -0.83 29.01
N PHE B 551 -18.71 -1.24 28.30
CA PHE B 551 -17.70 -0.33 27.79
C PHE B 551 -17.96 -0.08 26.31
N SER B 552 -17.94 1.19 25.91
CA SER B 552 -18.20 1.55 24.52
C SER B 552 -17.49 2.84 24.17
N TYR B 553 -16.73 2.82 23.08
CA TYR B 553 -16.09 4.02 22.57
C TYR B 553 -15.75 3.82 21.10
N ILE B 554 -15.55 4.94 20.40
CA ILE B 554 -15.24 4.94 18.99
C ILE B 554 -13.93 5.71 18.78
N ARG B 555 -13.01 5.12 18.03
CA ARG B 555 -11.73 5.73 17.71
C ARG B 555 -11.68 6.04 16.23
N HIS B 556 -11.39 7.30 15.90
CA HIS B 556 -11.44 7.73 14.51
C HIS B 556 -10.45 8.85 14.26
N TRP B 557 -10.03 8.95 13.01
CA TRP B 557 -9.28 10.08 12.48
C TRP B 557 -10.21 10.89 11.59
N ASP B 558 -9.71 12.02 11.08
CA ASP B 558 -10.56 12.94 10.33
C ASP B 558 -11.09 12.33 9.04
N GLN B 559 -10.29 11.48 8.39
CA GLN B 559 -10.71 10.88 7.12
C GLN B 559 -10.51 9.37 7.06
N ASN B 560 -9.56 8.79 7.79
CA ASN B 560 -9.22 7.39 7.62
C ASN B 560 -10.32 6.48 8.19
N GLU B 561 -10.17 5.18 7.94
CA GLU B 561 -11.15 4.20 8.40
C GLU B 561 -11.18 4.14 9.92
N ARG B 562 -12.33 3.76 10.45
CA ARG B 562 -12.68 4.01 11.84
C ARG B 562 -12.88 2.71 12.60
N PHE B 563 -12.70 2.79 13.92
CA PHE B 563 -12.79 1.62 14.79
C PHE B 563 -13.82 1.85 15.88
N LEU B 564 -14.42 0.75 16.33
CA LEU B 564 -15.36 0.73 17.45
C LEU B 564 -15.06 -0.49 18.30
N VAL B 565 -15.06 -0.32 19.62
CA VAL B 565 -14.73 -1.39 20.54
C VAL B 565 -15.82 -1.46 21.60
N VAL B 566 -16.33 -2.66 21.86
CA VAL B 566 -17.29 -2.89 22.92
C VAL B 566 -16.73 -3.96 23.85
N LEU B 567 -17.14 -3.89 25.12
CA LEU B 567 -16.63 -4.81 26.13
C LEU B 567 -17.74 -5.11 27.12
N ASN B 568 -17.62 -6.26 27.80
CA ASN B 568 -18.55 -6.66 28.83
C ASN B 568 -17.76 -7.01 30.08
N PHE B 569 -18.21 -6.49 31.22
CA PHE B 569 -17.54 -6.76 32.49
C PHE B 569 -18.41 -7.56 33.47
N GLY B 570 -19.71 -7.62 33.25
CA GLY B 570 -20.59 -8.34 34.15
C GLY B 570 -20.59 -9.83 33.92
N ASP B 571 -21.33 -10.53 34.77
CA ASP B 571 -21.46 -11.98 34.71
C ASP B 571 -22.71 -12.43 33.96
N VAL B 572 -23.49 -11.51 33.42
CA VAL B 572 -24.73 -11.82 32.72
C VAL B 572 -24.61 -11.37 31.28
N GLY B 573 -25.55 -11.83 30.45
CA GLY B 573 -25.59 -11.40 29.08
C GLY B 573 -25.97 -9.94 28.96
N LEU B 574 -25.50 -9.31 27.89
CA LEU B 574 -25.69 -7.89 27.67
C LEU B 574 -26.34 -7.64 26.32
N SER B 575 -27.11 -6.55 26.27
CA SER B 575 -27.82 -6.17 25.05
C SER B 575 -26.91 -5.31 24.18
N ALA B 576 -27.49 -4.66 23.16
CA ALA B 576 -26.71 -3.82 22.27
C ALA B 576 -26.21 -2.56 22.98
N GLY B 577 -27.05 -1.94 23.80
CA GLY B 577 -26.68 -0.71 24.47
C GLY B 577 -26.43 0.43 23.50
N LEU B 578 -27.33 0.60 22.54
CA LEU B 578 -27.13 1.58 21.49
C LEU B 578 -27.31 3.00 22.00
N GLN B 579 -26.48 3.90 21.50
CA GLN B 579 -26.59 5.32 21.79
C GLN B 579 -25.93 6.09 20.66
N ALA B 580 -26.54 7.20 20.26
CA ALA B 580 -26.04 8.00 19.15
C ALA B 580 -26.33 9.47 19.45
N SER B 581 -26.18 10.31 18.41
CA SER B 581 -26.46 11.74 18.45
C SER B 581 -25.58 12.49 19.46
N ASP B 582 -24.50 11.86 19.93
CA ASP B 582 -23.55 12.52 20.82
C ASP B 582 -22.25 12.86 20.10
N LEU B 583 -22.23 12.76 18.78
CA LEU B 583 -21.04 12.93 17.97
C LEU B 583 -21.33 13.89 16.83
N PRO B 584 -20.30 14.53 16.26
CA PRO B 584 -20.52 15.36 15.08
C PRO B 584 -20.92 14.52 13.87
N ALA B 585 -21.37 15.22 12.83
CA ALA B 585 -21.82 14.55 11.61
C ALA B 585 -20.68 13.81 10.92
N SER B 586 -19.45 14.31 11.06
CA SER B 586 -18.30 13.59 10.52
C SER B 586 -18.07 12.28 11.26
N ALA B 587 -18.25 12.28 12.57
CA ALA B 587 -18.07 11.08 13.39
C ALA B 587 -19.39 10.32 13.57
N SER B 588 -20.06 10.03 12.46
CA SER B 588 -21.33 9.31 12.48
C SER B 588 -21.09 7.82 12.30
N LEU B 589 -21.70 7.02 13.18
CA LEU B 589 -21.50 5.59 13.04
C LEU B 589 -22.58 4.96 12.16
N PRO B 590 -22.24 3.94 11.38
CA PRO B 590 -23.26 3.25 10.58
C PRO B 590 -23.90 2.10 11.33
N ALA B 591 -24.85 1.42 10.69
CA ALA B 591 -25.49 0.25 11.28
C ALA B 591 -24.85 -1.06 10.85
N LYS B 592 -23.90 -1.03 9.91
CA LYS B 592 -23.23 -2.22 9.42
C LYS B 592 -21.75 -2.10 9.70
N ALA B 593 -21.17 -3.15 10.28
CA ALA B 593 -19.74 -3.19 10.58
C ALA B 593 -19.31 -4.64 10.69
N ASP B 594 -18.20 -4.98 10.03
CA ASP B 594 -17.70 -6.34 10.04
C ASP B 594 -16.80 -6.56 11.26
N LEU B 595 -16.98 -7.70 11.91
CA LEU B 595 -16.17 -8.05 13.07
C LEU B 595 -14.73 -8.31 12.65
N LEU B 596 -13.79 -7.86 13.46
CA LEU B 596 -12.37 -8.07 13.22
C LEU B 596 -11.73 -9.03 14.21
N LEU B 597 -12.12 -8.97 15.48
CA LEU B 597 -11.53 -9.84 16.49
C LEU B 597 -12.50 -9.98 17.65
N SER B 598 -12.32 -11.04 18.42
CA SER B 598 -13.09 -11.27 19.64
C SER B 598 -12.22 -12.03 20.62
N THR B 599 -12.57 -11.91 21.90
CA THR B 599 -11.81 -12.59 22.94
C THR B 599 -11.95 -14.10 22.84
N GLN B 600 -13.18 -14.59 22.75
CA GLN B 600 -13.45 -16.01 22.60
C GLN B 600 -14.01 -16.27 21.20
N PRO B 601 -13.44 -17.20 20.44
CA PRO B 601 -13.88 -17.36 19.04
C PRO B 601 -15.26 -18.01 18.94
N GLY B 602 -16.26 -17.19 18.62
CA GLY B 602 -17.60 -17.67 18.40
C GLY B 602 -18.23 -17.05 17.18
N ARG B 603 -17.57 -16.03 16.63
CA ARG B 603 -18.08 -15.28 15.50
C ARG B 603 -17.11 -15.36 14.33
N GLU B 604 -17.64 -15.13 13.13
CA GLU B 604 -16.86 -15.18 11.91
C GLU B 604 -16.38 -13.78 11.55
N GLU B 605 -15.06 -13.64 11.38
CA GLU B 605 -14.48 -12.35 11.04
C GLU B 605 -14.87 -11.95 9.61
N GLY B 606 -15.04 -10.64 9.41
CA GLY B 606 -15.44 -10.13 8.12
C GLY B 606 -16.93 -10.20 7.84
N SER B 607 -17.73 -10.62 8.82
CA SER B 607 -19.16 -10.75 8.61
C SER B 607 -19.87 -9.57 9.26
N PRO B 608 -20.51 -8.69 8.50
CA PRO B 608 -21.22 -7.56 9.10
C PRO B 608 -22.47 -8.02 9.85
N LEU B 609 -22.88 -7.20 10.80
CA LEU B 609 -24.03 -7.51 11.63
C LEU B 609 -24.78 -6.23 11.97
N GLU B 610 -26.06 -6.38 12.28
CA GLU B 610 -26.85 -5.25 12.76
C GLU B 610 -26.38 -4.83 14.15
N LEU B 611 -26.24 -3.52 14.35
CA LEU B 611 -25.70 -2.99 15.59
C LEU B 611 -26.74 -2.88 16.71
N GLU B 612 -27.92 -3.48 16.53
CA GLU B 612 -28.96 -3.46 17.56
C GLU B 612 -29.25 -4.85 18.11
N ARG B 613 -28.48 -5.86 17.72
CA ARG B 613 -28.71 -7.25 18.11
C ARG B 613 -27.44 -7.87 18.68
N LEU B 614 -26.79 -7.15 19.59
CA LEU B 614 -25.54 -7.64 20.20
C LEU B 614 -25.89 -8.50 21.41
N LYS B 615 -25.85 -9.82 21.22
CA LYS B 615 -26.03 -10.77 22.32
C LYS B 615 -24.66 -11.11 22.86
N LEU B 616 -24.18 -10.29 23.79
CA LEU B 616 -22.82 -10.41 24.31
C LEU B 616 -22.77 -11.39 25.46
N GLU B 617 -21.89 -12.38 25.34
CA GLU B 617 -21.67 -13.31 26.42
C GLU B 617 -20.93 -12.62 27.57
N PRO B 618 -21.10 -13.09 28.80
CA PRO B 618 -20.31 -12.55 29.92
C PRO B 618 -18.82 -12.78 29.73
N HIS B 619 -18.03 -11.81 30.18
CA HIS B 619 -16.57 -11.81 30.06
C HIS B 619 -16.15 -11.93 28.59
N GLU B 620 -16.54 -10.93 27.80
CA GLU B 620 -16.28 -10.93 26.38
C GLU B 620 -16.16 -9.50 25.88
N GLY B 621 -15.46 -9.34 24.76
CA GLY B 621 -15.32 -8.05 24.12
C GLY B 621 -15.16 -8.18 22.62
N LEU B 622 -15.74 -7.25 21.86
CA LEU B 622 -15.72 -7.32 20.41
C LEU B 622 -14.95 -6.14 19.85
N LEU B 623 -14.12 -6.42 18.84
CA LEU B 623 -13.41 -5.38 18.09
C LEU B 623 -14.12 -5.21 16.76
N LEU B 624 -14.84 -4.11 16.59
CA LEU B 624 -15.59 -3.83 15.38
C LEU B 624 -14.79 -2.90 14.47
N ARG B 625 -15.17 -2.91 13.19
CA ARG B 625 -14.45 -2.16 12.18
C ARG B 625 -15.43 -1.79 11.06
N PHE B 626 -15.25 -0.59 10.49
CA PHE B 626 -16.04 -0.18 9.33
C PHE B 626 -15.28 0.85 8.52
N PRO B 627 -15.28 0.73 7.19
CA PRO B 627 -14.74 1.79 6.34
C PRO B 627 -15.34 3.16 6.64
N TYR B 628 -14.55 4.19 6.34
CA TYR B 628 -14.98 5.56 6.55
C TYR B 628 -16.12 5.91 5.60
N ALA B 629 -17.13 6.60 6.13
CA ALA B 629 -18.25 7.09 5.33
C ALA B 629 -18.25 8.61 5.35
N ALA B 630 -18.28 9.21 4.17
CA ALA B 630 -18.29 10.67 4.05
C ALA B 630 -19.70 11.21 4.24
#